data_2YNE
#
_entry.id   2YNE
#
_cell.length_a   57.620
_cell.length_b   121.850
_cell.length_c   179.160
_cell.angle_alpha   90.00
_cell.angle_beta   90.00
_cell.angle_gamma   90.00
#
_symmetry.space_group_name_H-M   'P 21 21 21'
#
loop_
_entity.id
_entity.type
_entity.pdbx_description
1 polymer 'GLYCYLPEPTIDE N-TETRADECANOYLTRANSFERASE'
2 non-polymer 'DIMETHYL SULFOXIDE'
3 non-polymer 2-oxopentadecyl-CoA
4 non-polymer 2-(3-piperidin-4-yloxy-1-benzothiophen-2-yl)-5-[(1,3,5-trimethylpyrazol-4-yl)methyl]-1,3,4-oxadiazole
5 non-polymer 'SULFATE ION'
6 non-polymer 'MAGNESIUM ION'
7 non-polymer 'CHLORIDE ION'
8 water water
#
_entity_poly.entity_id   1
_entity_poly.type   'polypeptide(L)'
_entity_poly.pdbx_seq_one_letter_code
;DYKFWYTQPVPKINDEFNESVNEPFISDNKVEDVRKDEYKLPPGYSWYVCDVKDEKDRSEIYTLLTDNYVEDDDNIFRFN
YSAEFLLWALTSPNYLKTWHIGVKYDASNKLIGFISAIPTDICIHKRTIKMAEVNFLCVHKTLRSKRLAPVLIKEITRRI
NLENIWQAIYTAGVYLPKPVSDARYYHRSINVKKLIEIGFSSLNSRLTMSRAIKLYRVEDTLNIKNMRLMKKKDVEGVHK
LLGSYLEQFNLYAVFTKEEIAHWFLPIENVIYTYVNEENGKIKDMISFYSLPSQILGNDKYSTLNAAYSFYNVTTTATFK
QLMQDAILLAKRNNFDVFNALEVMQNKSVFEDLKFGEGDGSLKYYLYNWKCASFAPAHVGIVLL
;
_entity_poly.pdbx_strand_id   A,B,C
#
# COMPACT_ATOMS: atom_id res chain seq x y z
N ASP A 1 17.19 -32.82 -20.85
CA ASP A 1 16.18 -33.11 -21.91
C ASP A 1 14.75 -33.10 -21.32
N TYR A 2 14.64 -33.23 -19.99
CA TYR A 2 13.29 -33.41 -19.31
C TYR A 2 12.24 -34.19 -20.11
N LYS A 3 12.50 -35.46 -20.37
CA LYS A 3 11.61 -36.31 -21.16
C LYS A 3 10.29 -36.56 -20.50
N PHE A 4 10.28 -36.62 -19.16
CA PHE A 4 9.01 -36.69 -18.43
C PHE A 4 8.35 -35.34 -18.36
N TRP A 5 9.07 -34.33 -17.86
CA TRP A 5 8.43 -33.00 -17.67
C TRP A 5 7.87 -32.43 -18.97
N TYR A 6 8.52 -32.69 -20.11
CA TYR A 6 7.99 -32.15 -21.37
C TYR A 6 6.62 -32.70 -21.83
N THR A 7 6.18 -33.84 -21.28
CA THR A 7 4.86 -34.38 -21.52
C THR A 7 3.78 -33.78 -20.65
N GLN A 8 4.17 -32.88 -19.72
CA GLN A 8 3.24 -32.36 -18.70
C GLN A 8 2.84 -30.92 -19.06
N PRO A 9 1.69 -30.44 -18.52
CA PRO A 9 1.28 -29.00 -18.71
C PRO A 9 2.05 -28.00 -17.81
N VAL A 10 3.35 -27.79 -18.12
CA VAL A 10 4.21 -26.82 -17.41
C VAL A 10 4.96 -26.17 -18.57
N PRO A 11 5.64 -25.08 -18.28
CA PRO A 11 6.24 -24.19 -19.32
C PRO A 11 7.42 -24.92 -19.86
N LYS A 12 7.73 -24.76 -21.15
CA LYS A 12 9.01 -25.22 -21.68
C LYS A 12 10.14 -24.35 -21.13
N ILE A 13 11.36 -24.90 -21.20
CA ILE A 13 12.51 -24.20 -20.63
C ILE A 13 12.65 -22.74 -21.16
N ASN A 14 12.24 -22.51 -22.41
CA ASN A 14 12.32 -21.19 -23.00
C ASN A 14 11.13 -20.29 -22.88
N ASP A 15 10.02 -20.80 -22.35
CA ASP A 15 8.75 -20.06 -22.32
C ASP A 15 8.84 -18.82 -21.43
N GLU A 16 8.43 -17.68 -21.94
CA GLU A 16 8.32 -16.51 -21.09
CA GLU A 16 8.37 -16.45 -21.14
C GLU A 16 7.00 -15.83 -21.42
N PHE A 17 6.24 -15.48 -20.36
CA PHE A 17 4.87 -14.90 -20.49
C PHE A 17 4.78 -13.50 -19.95
N ASN A 18 4.04 -12.63 -20.68
CA ASN A 18 3.71 -11.27 -20.22
CA ASN A 18 3.88 -11.30 -20.08
C ASN A 18 2.83 -11.27 -18.95
N GLU A 19 2.81 -10.13 -18.23
CA GLU A 19 1.98 -9.99 -17.01
CA GLU A 19 1.98 -9.93 -17.00
C GLU A 19 0.48 -10.12 -17.25
N SER A 20 0.07 -9.90 -18.48
CA SER A 20 -1.30 -10.10 -18.85
C SER A 20 -1.81 -11.59 -18.90
N VAL A 21 -0.89 -12.55 -19.05
CA VAL A 21 -1.19 -13.98 -19.21
C VAL A 21 -1.22 -14.59 -17.82
N ASN A 22 -2.35 -15.22 -17.46
CA ASN A 22 -2.50 -15.74 -16.10
C ASN A 22 -3.64 -16.76 -16.11
N GLU A 23 -3.36 -18.02 -16.53
CA GLU A 23 -4.42 -18.97 -16.89
C GLU A 23 -3.80 -20.36 -16.94
N PRO A 24 -4.63 -21.40 -16.95
CA PRO A 24 -4.11 -22.80 -17.19
C PRO A 24 -3.43 -23.02 -18.53
N PHE A 25 -2.53 -24.01 -18.64
CA PHE A 25 -2.10 -24.55 -19.91
C PHE A 25 -3.25 -25.31 -20.53
N ILE A 26 -4.02 -26.04 -19.71
CA ILE A 26 -5.12 -26.91 -20.27
C ILE A 26 -6.32 -26.58 -19.44
N SER A 27 -7.36 -26.04 -20.09
CA SER A 27 -8.57 -25.64 -19.37
CA SER A 27 -8.55 -25.69 -19.30
C SER A 27 -9.69 -26.61 -19.70
N ASP A 28 -10.86 -26.40 -19.10
CA ASP A 28 -12.05 -27.19 -19.55
CA ASP A 28 -12.07 -27.19 -19.47
C ASP A 28 -11.75 -28.70 -19.34
N ASN A 29 -11.08 -29.03 -18.25
CA ASN A 29 -10.87 -30.40 -17.83
C ASN A 29 -12.20 -30.97 -17.31
N LYS A 30 -12.36 -32.29 -17.44
CA LYS A 30 -13.58 -32.97 -16.92
C LYS A 30 -13.30 -34.09 -15.94
N VAL A 31 -13.77 -33.91 -14.68
CA VAL A 31 -13.66 -34.98 -13.72
C VAL A 31 -14.05 -36.37 -14.29
N GLU A 32 -15.10 -36.39 -15.14
CA GLU A 32 -15.63 -37.70 -15.50
CA GLU A 32 -15.68 -37.67 -15.62
C GLU A 32 -14.69 -38.47 -16.47
N ASP A 33 -13.72 -37.78 -17.04
CA ASP A 33 -12.76 -38.33 -18.00
C ASP A 33 -11.49 -38.86 -17.38
N VAL A 34 -11.26 -38.51 -16.11
CA VAL A 34 -10.05 -38.94 -15.38
C VAL A 34 -9.96 -40.43 -15.25
N ARG A 35 -8.77 -40.98 -15.49
CA ARG A 35 -8.53 -42.43 -15.30
C ARG A 35 -8.94 -42.89 -13.90
N LYS A 36 -9.65 -44.04 -13.88
CA LYS A 36 -10.03 -44.69 -12.63
C LYS A 36 -9.06 -45.71 -12.11
N ASP A 37 -8.15 -46.15 -12.98
CA ASP A 37 -7.16 -47.21 -12.64
C ASP A 37 -5.88 -46.54 -12.06
N GLU A 38 -5.30 -47.17 -11.07
CA GLU A 38 -4.01 -46.73 -10.50
C GLU A 38 -2.93 -46.97 -11.55
N TYR A 39 -1.97 -46.05 -11.67
CA TYR A 39 -0.78 -46.25 -12.47
C TYR A 39 -0.02 -47.49 -12.04
N LYS A 40 0.62 -48.10 -13.02
CA LYS A 40 1.23 -49.40 -12.87
C LYS A 40 2.64 -49.16 -12.30
N LEU A 41 2.94 -49.92 -11.25
CA LEU A 41 4.28 -49.95 -10.65
C LEU A 41 5.07 -51.15 -11.19
N PRO A 42 6.40 -51.13 -11.02
CA PRO A 42 7.10 -52.32 -11.49
C PRO A 42 6.79 -53.57 -10.64
N PRO A 43 7.06 -54.79 -11.22
CA PRO A 43 6.74 -56.06 -10.56
C PRO A 43 7.31 -56.07 -9.15
N GLY A 44 6.46 -56.44 -8.20
CA GLY A 44 6.86 -56.66 -6.83
C GLY A 44 6.69 -55.44 -5.94
N TYR A 45 6.15 -54.36 -6.49
CA TYR A 45 5.81 -53.16 -5.68
C TYR A 45 4.30 -52.85 -5.76
N SER A 46 3.74 -52.29 -4.71
CA SER A 46 2.29 -51.97 -4.65
C SER A 46 2.03 -50.61 -4.01
N TRP A 47 0.97 -49.97 -4.46
CA TRP A 47 0.49 -48.77 -3.70
C TRP A 47 0.09 -49.10 -2.26
N TYR A 48 0.16 -48.13 -1.36
CA TYR A 48 -0.20 -48.34 0.03
C TYR A 48 -0.91 -47.04 0.44
N VAL A 49 -2.06 -47.12 1.09
CA VAL A 49 -2.68 -45.83 1.48
C VAL A 49 -2.25 -45.59 2.92
N CYS A 50 -1.44 -44.55 3.15
CA CYS A 50 -0.85 -44.28 4.51
C CYS A 50 -1.87 -43.59 5.41
N ASP A 51 -2.00 -44.06 6.64
CA ASP A 51 -2.80 -43.34 7.63
C ASP A 51 -1.91 -42.51 8.54
N VAL A 52 -1.71 -41.22 8.19
CA VAL A 52 -0.76 -40.42 8.99
CA VAL A 52 -0.79 -40.39 8.96
C VAL A 52 -1.23 -40.19 10.42
N LYS A 53 -2.53 -40.35 10.67
CA LYS A 53 -3.01 -40.31 12.03
C LYS A 53 -2.73 -41.60 12.84
N ASP A 54 -2.35 -42.69 12.19
CA ASP A 54 -1.93 -43.88 12.98
C ASP A 54 -0.42 -43.77 13.28
N GLU A 55 -0.03 -43.92 14.55
CA GLU A 55 1.37 -43.73 14.96
C GLU A 55 2.29 -44.62 14.15
N LYS A 56 1.90 -45.87 13.92
CA LYS A 56 2.77 -46.86 13.25
C LYS A 56 2.99 -46.54 11.77
N ASP A 57 1.89 -46.26 11.03
CA ASP A 57 2.04 -45.80 9.64
C ASP A 57 2.86 -44.52 9.60
N ARG A 58 2.61 -43.58 10.51
CA ARG A 58 3.32 -42.30 10.51
C ARG A 58 4.80 -42.56 10.79
N SER A 59 5.09 -43.56 11.64
N SER A 59 5.10 -43.55 11.62
CA SER A 59 6.49 -43.99 11.95
CA SER A 59 6.51 -43.90 11.90
C SER A 59 7.23 -44.50 10.70
C SER A 59 7.23 -44.50 10.70
N GLU A 60 6.51 -45.19 9.83
CA GLU A 60 7.10 -45.76 8.64
CA GLU A 60 7.18 -45.77 8.69
C GLU A 60 7.52 -44.66 7.69
N ILE A 61 6.67 -43.65 7.62
CA ILE A 61 6.95 -42.51 6.66
C ILE A 61 8.21 -41.78 7.22
N TYR A 62 8.23 -41.63 8.54
CA TYR A 62 9.29 -40.89 9.28
C TYR A 62 10.60 -41.59 9.00
N THR A 63 10.65 -42.88 9.23
CA THR A 63 11.86 -43.65 8.89
C THR A 63 12.29 -43.47 7.42
N LEU A 64 11.37 -43.64 6.48
CA LEU A 64 11.75 -43.44 5.06
C LEU A 64 12.41 -42.07 4.77
N LEU A 65 11.78 -41.00 5.25
CA LEU A 65 12.32 -39.64 5.08
C LEU A 65 13.62 -39.46 5.87
N THR A 66 13.70 -39.97 7.11
CA THR A 66 14.91 -39.79 7.92
C THR A 66 16.13 -40.39 7.15
N ASP A 67 15.94 -41.57 6.53
CA ASP A 67 17.06 -42.21 5.82
C ASP A 67 17.29 -41.77 4.37
N ASN A 68 16.25 -41.22 3.65
CA ASN A 68 16.35 -40.99 2.25
C ASN A 68 15.89 -39.65 1.73
N TYR A 69 15.58 -38.72 2.62
CA TYR A 69 15.08 -37.42 2.06
C TYR A 69 16.24 -36.48 1.67
N VAL A 70 15.95 -35.20 1.53
CA VAL A 70 16.83 -34.24 0.89
C VAL A 70 18.09 -33.97 1.67
N GLU A 71 19.22 -33.92 0.94
CA GLU A 71 20.50 -33.63 1.55
C GLU A 71 21.01 -32.36 0.94
N ASP A 72 21.89 -31.67 1.70
CA ASP A 72 22.55 -30.47 1.12
C ASP A 72 23.48 -30.92 -0.03
N ASP A 73 23.98 -29.96 -0.81
CA ASP A 73 24.84 -30.21 -1.95
C ASP A 73 26.11 -31.06 -1.67
N ASP A 74 26.61 -30.98 -0.43
CA ASP A 74 27.78 -31.72 0.00
C ASP A 74 27.55 -33.02 0.78
N ASN A 75 26.28 -33.48 0.87
CA ASN A 75 25.91 -34.70 1.62
C ASN A 75 26.50 -34.73 3.05
N ILE A 76 26.40 -33.63 3.77
CA ILE A 76 26.74 -33.61 5.21
C ILE A 76 25.52 -33.45 6.09
N PHE A 77 24.48 -32.80 5.56
CA PHE A 77 23.23 -32.64 6.33
C PHE A 77 22.05 -33.26 5.59
N ARG A 78 21.11 -33.90 6.30
CA ARG A 78 19.87 -34.38 5.62
C ARG A 78 18.65 -33.92 6.46
N PHE A 79 17.66 -33.29 5.83
CA PHE A 79 16.45 -32.96 6.58
C PHE A 79 15.96 -34.13 7.41
N ASN A 80 15.51 -33.83 8.62
CA ASN A 80 15.00 -34.85 9.59
C ASN A 80 13.67 -34.30 10.18
N TYR A 81 12.62 -34.14 9.34
CA TYR A 81 11.27 -33.75 9.80
C TYR A 81 10.88 -34.75 10.89
N SER A 82 10.31 -34.25 11.97
CA SER A 82 9.85 -35.16 13.02
C SER A 82 8.51 -35.77 12.72
N ALA A 83 8.16 -36.82 13.47
CA ALA A 83 6.87 -37.50 13.13
C ALA A 83 5.72 -36.57 13.45
N GLU A 84 5.84 -35.80 14.54
CA GLU A 84 4.75 -34.87 14.87
C GLU A 84 4.73 -33.77 13.88
N PHE A 85 5.88 -33.39 13.33
CA PHE A 85 5.79 -32.35 12.24
C PHE A 85 5.02 -32.94 11.02
N LEU A 86 5.23 -34.19 10.68
CA LEU A 86 4.57 -34.75 9.46
C LEU A 86 3.04 -34.85 9.73
N LEU A 87 2.66 -35.19 10.93
CA LEU A 87 1.28 -35.16 11.31
C LEU A 87 0.66 -33.77 11.02
N TRP A 88 1.23 -32.77 11.64
CA TRP A 88 0.77 -31.39 11.39
C TRP A 88 0.78 -30.95 9.90
N ALA A 89 1.82 -31.30 9.13
CA ALA A 89 1.98 -30.90 7.74
C ALA A 89 0.92 -31.51 6.89
N LEU A 90 0.45 -32.69 7.30
CA LEU A 90 -0.41 -33.49 6.38
C LEU A 90 -1.93 -33.52 6.77
N THR A 91 -2.32 -32.94 7.90
CA THR A 91 -3.70 -33.09 8.39
C THR A 91 -4.41 -31.78 8.57
N SER A 92 -4.02 -30.84 7.72
CA SER A 92 -4.61 -29.51 7.64
C SER A 92 -6.09 -29.59 7.21
N PRO A 93 -6.81 -28.47 7.32
CA PRO A 93 -8.26 -28.57 6.99
C PRO A 93 -8.58 -29.18 5.61
N ASN A 94 -9.56 -30.10 5.63
CA ASN A 94 -10.09 -30.80 4.48
C ASN A 94 -9.05 -31.67 3.77
N TYR A 95 -8.02 -32.10 4.54
CA TYR A 95 -6.99 -32.97 3.92
C TYR A 95 -7.68 -34.25 3.46
N LEU A 96 -7.13 -34.94 2.45
CA LEU A 96 -7.60 -36.24 2.03
C LEU A 96 -6.57 -37.32 2.36
N LYS A 97 -6.95 -38.31 3.16
CA LYS A 97 -6.14 -39.51 3.31
C LYS A 97 -5.63 -40.13 2.00
N THR A 98 -6.43 -40.05 0.92
CA THR A 98 -6.02 -40.76 -0.28
C THR A 98 -4.97 -39.94 -1.07
N TRP A 99 -4.59 -38.77 -0.51
CA TRP A 99 -3.51 -38.00 -1.13
C TRP A 99 -2.22 -38.22 -0.37
N HIS A 100 -2.23 -39.28 0.48
CA HIS A 100 -1.01 -39.61 1.20
C HIS A 100 -0.60 -41.01 0.72
N ILE A 101 0.33 -41.03 -0.23
CA ILE A 101 0.50 -42.22 -1.10
C ILE A 101 1.82 -42.84 -0.83
N GLY A 102 1.78 -44.09 -0.37
CA GLY A 102 3.01 -44.84 -0.18
C GLY A 102 3.21 -45.93 -1.25
N VAL A 103 4.45 -46.42 -1.32
CA VAL A 103 4.74 -47.57 -2.24
C VAL A 103 5.52 -48.57 -1.39
N LYS A 104 5.03 -49.82 -1.32
CA LYS A 104 5.77 -50.86 -0.57
C LYS A 104 6.40 -51.89 -1.55
N TYR A 105 7.51 -52.49 -1.15
CA TYR A 105 8.06 -53.63 -1.80
C TYR A 105 7.39 -54.85 -1.16
N ASP A 106 6.60 -55.60 -1.96
CA ASP A 106 5.73 -56.61 -1.43
C ASP A 106 6.51 -57.62 -0.58
N ALA A 107 7.67 -58.03 -1.03
CA ALA A 107 8.36 -59.17 -0.31
C ALA A 107 8.88 -58.82 1.10
N SER A 108 9.28 -57.57 1.37
CA SER A 108 9.67 -57.12 2.78
C SER A 108 8.55 -56.39 3.55
N ASN A 109 7.53 -55.93 2.83
CA ASN A 109 6.44 -55.14 3.36
C ASN A 109 6.94 -53.80 3.87
N LYS A 110 8.05 -53.32 3.34
CA LYS A 110 8.71 -52.08 3.78
C LYS A 110 8.25 -50.94 2.87
N LEU A 111 8.01 -49.77 3.45
CA LEU A 111 7.74 -48.59 2.61
C LEU A 111 8.97 -48.14 1.80
N ILE A 112 8.91 -48.04 0.48
CA ILE A 112 10.12 -47.60 -0.24
C ILE A 112 9.97 -46.28 -1.03
N GLY A 113 8.75 -45.74 -1.03
CA GLY A 113 8.51 -44.47 -1.73
C GLY A 113 7.26 -43.78 -1.07
N PHE A 114 7.14 -42.49 -1.33
CA PHE A 114 6.08 -41.69 -0.72
C PHE A 114 5.89 -40.42 -1.54
N ILE A 115 4.64 -39.96 -1.58
CA ILE A 115 4.40 -38.59 -2.12
C ILE A 115 3.11 -38.06 -1.44
N SER A 116 2.98 -36.73 -1.19
CA SER A 116 1.75 -36.24 -0.50
C SER A 116 1.24 -34.94 -1.09
N ALA A 117 -0.03 -34.67 -0.94
CA ALA A 117 -0.58 -33.36 -1.22
C ALA A 117 -1.58 -33.01 -0.16
N ILE A 118 -1.78 -31.69 0.00
CA ILE A 118 -2.91 -31.16 0.84
C ILE A 118 -3.59 -30.13 -0.05
N PRO A 119 -4.87 -29.87 0.23
CA PRO A 119 -5.54 -28.81 -0.57
C PRO A 119 -5.37 -27.43 0.04
N THR A 120 -5.20 -26.41 -0.81
CA THR A 120 -4.95 -25.02 -0.36
CA THR A 120 -5.00 -25.03 -0.35
C THR A 120 -5.49 -24.08 -1.46
N ASP A 121 -6.06 -22.92 -1.10
CA ASP A 121 -6.46 -21.96 -2.11
C ASP A 121 -5.27 -21.08 -2.36
N ILE A 122 -4.88 -20.95 -3.61
CA ILE A 122 -3.63 -20.21 -3.94
C ILE A 122 -4.00 -19.00 -4.79
N CYS A 123 -3.54 -17.84 -4.38
CA CYS A 123 -3.76 -16.60 -5.19
C CYS A 123 -2.50 -16.34 -5.96
N ILE A 124 -2.61 -16.42 -7.31
CA ILE A 124 -1.48 -16.18 -8.24
C ILE A 124 -1.83 -14.98 -9.16
N HIS A 125 -1.08 -13.89 -9.00
CA HIS A 125 -1.38 -12.67 -9.79
CA HIS A 125 -1.36 -12.68 -9.82
C HIS A 125 -2.91 -12.29 -9.66
N LYS A 126 -3.41 -12.27 -8.43
CA LYS A 126 -4.76 -11.85 -8.10
C LYS A 126 -5.89 -12.79 -8.59
N ARG A 127 -5.60 -14.03 -8.97
CA ARG A 127 -6.68 -15.01 -9.26
C ARG A 127 -6.51 -16.09 -8.21
N THR A 128 -7.58 -16.36 -7.47
CA THR A 128 -7.49 -17.45 -6.47
C THR A 128 -8.03 -18.75 -7.08
N ILE A 129 -7.25 -19.81 -6.92
CA ILE A 129 -7.46 -21.06 -7.58
C ILE A 129 -7.39 -22.19 -6.51
N LYS A 130 -8.29 -23.21 -6.62
CA LYS A 130 -8.18 -24.34 -5.66
C LYS A 130 -6.97 -25.18 -6.13
N MET A 131 -5.97 -25.38 -5.27
CA MET A 131 -4.82 -26.17 -5.78
C MET A 131 -4.52 -27.30 -4.80
N ALA A 132 -3.61 -28.16 -5.23
CA ALA A 132 -2.95 -29.08 -4.26
C ALA A 132 -1.53 -28.58 -3.98
N GLU A 133 -1.13 -28.65 -2.73
CA GLU A 133 0.24 -28.35 -2.36
C GLU A 133 0.98 -29.67 -2.23
N VAL A 134 2.01 -29.90 -3.08
CA VAL A 134 2.68 -31.24 -3.10
C VAL A 134 3.96 -31.19 -2.31
N ASN A 135 4.25 -32.26 -1.54
CA ASN A 135 5.51 -32.27 -0.78
C ASN A 135 5.87 -33.70 -0.35
N PHE A 136 7.11 -33.86 0.11
CA PHE A 136 7.60 -35.11 0.68
C PHE A 136 7.68 -36.25 -0.34
N LEU A 137 7.85 -35.92 -1.60
CA LEU A 137 8.23 -36.92 -2.63
C LEU A 137 9.59 -37.55 -2.28
N CYS A 138 9.64 -38.88 -2.19
CA CYS A 138 10.88 -39.51 -1.76
C CYS A 138 10.89 -40.96 -2.29
N VAL A 139 12.01 -41.34 -2.91
CA VAL A 139 12.22 -42.72 -3.31
C VAL A 139 13.48 -43.25 -2.54
N HIS A 140 13.40 -44.45 -1.94
CA HIS A 140 14.51 -45.02 -1.19
C HIS A 140 15.81 -44.87 -2.04
N LYS A 141 16.88 -44.66 -1.34
CA LYS A 141 18.17 -44.42 -1.99
C LYS A 141 18.63 -45.59 -2.89
N THR A 142 18.20 -46.80 -2.54
CA THR A 142 18.58 -48.00 -3.28
C THR A 142 17.84 -48.14 -4.61
N LEU A 143 16.80 -47.32 -4.81
CA LEU A 143 15.95 -47.48 -6.04
C LEU A 143 15.92 -46.22 -6.88
N ARG A 144 16.97 -45.41 -6.78
CA ARG A 144 17.05 -44.17 -7.58
C ARG A 144 17.31 -44.40 -9.08
N SER A 145 16.82 -43.47 -9.89
CA SER A 145 17.06 -43.32 -11.30
C SER A 145 16.42 -44.50 -12.02
N LYS A 146 15.30 -45.03 -11.46
CA LYS A 146 14.52 -46.11 -12.09
C LYS A 146 13.20 -45.64 -12.66
N ARG A 147 13.05 -44.31 -12.74
CA ARG A 147 11.82 -43.69 -13.23
C ARG A 147 10.63 -43.98 -12.32
N LEU A 148 10.87 -44.24 -11.04
CA LEU A 148 9.71 -44.33 -10.11
C LEU A 148 9.08 -42.96 -9.83
N ALA A 149 9.84 -41.89 -9.82
CA ALA A 149 9.27 -40.59 -9.34
C ALA A 149 8.10 -40.18 -10.31
N PRO A 150 8.27 -40.31 -11.66
CA PRO A 150 7.15 -39.95 -12.58
C PRO A 150 5.90 -40.79 -12.31
N VAL A 151 6.07 -42.04 -11.86
CA VAL A 151 4.90 -42.82 -11.42
C VAL A 151 4.18 -42.25 -10.26
N LEU A 152 4.92 -41.87 -9.20
CA LEU A 152 4.34 -41.24 -8.04
C LEU A 152 3.64 -39.93 -8.42
N ILE A 153 4.30 -39.11 -9.24
CA ILE A 153 3.74 -37.78 -9.63
C ILE A 153 2.42 -38.00 -10.47
N LYS A 154 2.46 -38.93 -11.38
CA LYS A 154 1.28 -39.17 -12.27
C LYS A 154 0.09 -39.75 -11.41
N GLU A 155 0.40 -40.64 -10.48
CA GLU A 155 -0.63 -41.19 -9.59
C GLU A 155 -1.24 -40.07 -8.71
N ILE A 156 -0.38 -39.22 -8.07
CA ILE A 156 -0.99 -38.15 -7.27
C ILE A 156 -1.79 -37.18 -8.11
N THR A 157 -1.25 -36.78 -9.28
CA THR A 157 -2.02 -35.90 -10.20
C THR A 157 -3.41 -36.57 -10.44
N ARG A 158 -3.48 -37.87 -10.79
CA ARG A 158 -4.80 -38.55 -11.06
C ARG A 158 -5.76 -38.40 -9.88
N ARG A 159 -5.26 -38.69 -8.68
CA ARG A 159 -6.09 -38.58 -7.45
C ARG A 159 -6.54 -37.15 -7.13
N ILE A 160 -5.67 -36.17 -7.38
CA ILE A 160 -6.04 -34.75 -7.25
C ILE A 160 -7.11 -34.37 -8.29
N ASN A 161 -6.91 -34.80 -9.54
CA ASN A 161 -7.88 -34.49 -10.56
C ASN A 161 -9.27 -35.09 -10.23
N LEU A 162 -9.31 -36.27 -9.57
CA LEU A 162 -10.64 -36.84 -9.20
C LEU A 162 -11.49 -35.88 -8.32
N GLU A 163 -10.80 -35.01 -7.57
CA GLU A 163 -11.43 -33.95 -6.74
C GLU A 163 -11.70 -32.67 -7.50
N ASN A 164 -11.67 -32.77 -8.84
CA ASN A 164 -11.86 -31.56 -9.74
C ASN A 164 -10.87 -30.43 -9.47
N ILE A 165 -9.61 -30.80 -9.17
CA ILE A 165 -8.54 -29.86 -8.93
C ILE A 165 -7.49 -30.11 -9.98
N TRP A 166 -7.00 -29.04 -10.63
CA TRP A 166 -6.29 -29.17 -11.90
C TRP A 166 -4.97 -28.34 -11.89
N GLN A 167 -4.65 -27.71 -10.75
CA GLN A 167 -3.44 -26.92 -10.58
C GLN A 167 -2.78 -27.37 -9.26
N ALA A 168 -1.44 -27.25 -9.17
CA ALA A 168 -0.68 -27.56 -7.96
C ALA A 168 0.38 -26.58 -7.75
N ILE A 169 0.87 -26.49 -6.50
CA ILE A 169 2.09 -25.69 -6.23
C ILE A 169 3.11 -26.58 -5.55
N TYR A 170 4.41 -26.40 -5.84
CA TYR A 170 5.44 -27.26 -5.15
C TYR A 170 6.74 -26.45 -5.22
N THR A 171 7.75 -26.88 -4.42
CA THR A 171 9.05 -26.15 -4.38
C THR A 171 10.09 -27.28 -4.47
N ALA A 172 11.22 -27.01 -5.08
CA ALA A 172 12.35 -27.97 -5.11
C ALA A 172 13.63 -27.13 -5.12
N GLY A 173 14.72 -27.67 -4.55
CA GLY A 173 16.08 -27.12 -4.83
C GLY A 173 16.56 -27.41 -6.26
N VAL A 174 16.13 -28.51 -6.86
CA VAL A 174 16.55 -28.78 -8.25
C VAL A 174 15.80 -27.91 -9.27
N TYR A 175 16.44 -27.64 -10.39
CA TYR A 175 15.87 -26.81 -11.46
C TYR A 175 15.03 -27.72 -12.35
N LEU A 176 13.73 -27.40 -12.45
CA LEU A 176 12.79 -28.11 -13.37
C LEU A 176 12.04 -27.10 -14.25
N PRO A 177 11.38 -27.57 -15.35
CA PRO A 177 10.52 -26.62 -16.11
C PRO A 177 9.26 -26.28 -15.32
N LYS A 178 8.95 -25.00 -14.97
CA LYS A 178 9.91 -23.87 -15.06
C LYS A 178 9.59 -22.95 -13.87
N PRO A 179 10.58 -22.51 -13.07
CA PRO A 179 10.19 -21.73 -11.87
C PRO A 179 9.38 -20.46 -12.11
N VAL A 180 8.33 -20.27 -11.32
CA VAL A 180 7.65 -18.97 -11.36
C VAL A 180 8.46 -17.96 -10.50
N SER A 181 9.25 -18.48 -9.51
CA SER A 181 10.17 -17.62 -8.75
C SER A 181 11.32 -18.46 -8.20
N ASP A 182 12.41 -17.82 -7.68
CA ASP A 182 13.62 -18.52 -7.21
C ASP A 182 14.16 -17.78 -6.02
N ALA A 183 14.15 -18.42 -4.86
CA ALA A 183 14.53 -17.72 -3.61
C ALA A 183 15.74 -18.41 -2.98
N ARG A 184 16.85 -17.67 -2.93
CA ARG A 184 17.98 -18.11 -2.08
C ARG A 184 17.59 -18.12 -0.56
N TYR A 185 18.25 -19.01 0.16
CA TYR A 185 18.17 -19.03 1.63
C TYR A 185 19.42 -18.47 2.31
N TYR A 186 19.19 -17.88 3.47
CA TYR A 186 20.21 -17.23 4.25
C TYR A 186 20.12 -17.78 5.63
N HIS A 187 21.22 -17.75 6.36
CA HIS A 187 21.25 -18.38 7.69
C HIS A 187 21.82 -17.44 8.73
N ARG A 188 21.19 -17.34 9.88
CA ARG A 188 21.73 -16.45 10.95
C ARG A 188 22.21 -17.33 12.10
N SER A 189 23.53 -17.38 12.31
CA SER A 189 24.06 -18.19 13.40
C SER A 189 23.59 -17.82 14.79
N ILE A 190 23.20 -18.82 15.61
CA ILE A 190 22.84 -18.63 16.99
C ILE A 190 23.87 -19.33 17.88
N ASN A 191 24.07 -20.62 17.70
CA ASN A 191 25.18 -21.33 18.47
CA ASN A 191 25.09 -21.34 18.45
C ASN A 191 26.35 -21.51 17.54
N VAL A 192 27.15 -20.45 17.49
CA VAL A 192 28.31 -20.25 16.66
CA VAL A 192 28.18 -20.40 16.49
C VAL A 192 29.32 -21.42 16.73
N LYS A 193 29.73 -21.71 17.96
CA LYS A 193 30.74 -22.77 18.18
C LYS A 193 30.29 -24.11 17.56
N LYS A 194 29.04 -24.53 17.93
CA LYS A 194 28.49 -25.75 17.33
C LYS A 194 28.51 -25.68 15.78
N LEU A 195 28.04 -24.59 15.17
CA LEU A 195 28.01 -24.51 13.71
C LEU A 195 29.40 -24.60 13.03
N ILE A 196 30.42 -24.09 13.73
N ILE A 196 30.43 -24.15 13.70
CA ILE A 196 31.86 -24.18 13.33
CA ILE A 196 31.76 -24.29 13.13
C ILE A 196 32.34 -25.65 13.37
C ILE A 196 32.31 -25.71 13.34
N GLU A 197 32.08 -26.27 14.53
CA GLU A 197 32.51 -27.68 14.80
C GLU A 197 31.85 -28.73 13.81
N ILE A 198 30.62 -28.50 13.35
CA ILE A 198 30.00 -29.41 12.37
C ILE A 198 30.26 -28.99 10.90
N GLY A 199 30.99 -27.89 10.67
CA GLY A 199 31.29 -27.37 9.34
C GLY A 199 30.06 -26.80 8.61
N PHE A 200 29.06 -26.35 9.36
CA PHE A 200 28.04 -25.49 8.79
C PHE A 200 28.58 -24.09 8.57
N SER A 201 29.41 -23.57 9.51
CA SER A 201 30.07 -22.25 9.45
C SER A 201 31.59 -22.41 9.51
N SER A 202 32.30 -21.35 9.16
CA SER A 202 33.75 -21.32 9.30
C SER A 202 34.33 -20.13 10.01
N LEU A 203 35.51 -20.32 10.56
CA LEU A 203 36.37 -19.28 11.08
C LEU A 203 37.34 -18.76 10.02
N ASN A 204 38.40 -18.12 10.48
CA ASN A 204 39.61 -17.68 9.74
C ASN A 204 40.61 -16.83 10.59
N SER A 205 41.74 -16.37 10.05
CA SER A 205 42.75 -15.79 11.01
C SER A 205 42.34 -14.45 11.72
N ARG A 206 41.47 -13.69 11.05
CA ARG A 206 40.84 -12.47 11.58
C ARG A 206 39.76 -12.84 12.61
N LEU A 207 38.91 -13.79 12.23
CA LEU A 207 37.85 -14.22 13.10
C LEU A 207 38.23 -15.51 13.79
N THR A 208 38.80 -15.30 14.99
CA THR A 208 39.05 -16.32 15.98
C THR A 208 37.72 -16.84 16.52
N MET A 209 37.78 -17.97 17.22
CA MET A 209 36.54 -18.52 17.87
C MET A 209 35.91 -17.47 18.79
N SER A 210 36.65 -16.90 19.73
CA SER A 210 36.08 -15.92 20.71
C SER A 210 35.42 -14.72 19.94
N ARG A 211 36.03 -14.28 18.86
CA ARG A 211 35.53 -13.07 18.15
C ARG A 211 34.30 -13.46 17.33
N ALA A 212 34.26 -14.70 16.82
CA ALA A 212 33.08 -15.18 16.11
C ALA A 212 31.88 -15.31 17.05
N ILE A 213 32.09 -15.81 18.27
CA ILE A 213 31.02 -15.90 19.28
C ILE A 213 30.51 -14.46 19.64
N LYS A 214 31.46 -13.56 19.81
CA LYS A 214 31.10 -12.15 20.18
C LYS A 214 30.29 -11.55 19.09
N LEU A 215 30.66 -11.84 17.86
CA LEU A 215 29.94 -11.20 16.70
C LEU A 215 28.41 -11.54 16.70
N TYR A 216 28.07 -12.76 17.03
CA TYR A 216 26.70 -13.27 16.85
C TYR A 216 25.96 -13.17 18.16
N ARG A 217 26.59 -12.65 19.23
CA ARG A 217 25.91 -12.47 20.56
CA ARG A 217 25.91 -12.44 20.55
C ARG A 217 24.60 -11.68 20.37
N VAL A 218 23.54 -12.11 21.05
CA VAL A 218 22.32 -11.26 21.08
C VAL A 218 21.87 -10.93 22.51
N GLU A 219 21.26 -9.75 22.66
CA GLU A 219 20.72 -9.29 23.93
C GLU A 219 19.42 -10.05 24.16
N ASP A 220 19.32 -10.68 25.32
CA ASP A 220 18.10 -11.35 25.73
C ASP A 220 16.91 -10.43 26.16
N THR A 221 16.65 -9.44 25.34
CA THR A 221 15.46 -8.60 25.62
C THR A 221 14.72 -8.32 24.32
N LEU A 222 13.39 -8.44 24.33
CA LEU A 222 12.60 -8.23 23.11
C LEU A 222 12.44 -6.75 22.79
N ASN A 223 12.48 -6.45 21.52
CA ASN A 223 12.08 -5.08 21.01
C ASN A 223 10.61 -4.83 21.32
N ILE A 224 9.79 -5.87 21.14
CA ILE A 224 8.31 -5.78 21.34
C ILE A 224 8.02 -6.54 22.65
N LYS A 225 8.03 -5.81 23.82
CA LYS A 225 8.07 -6.44 25.13
C LYS A 225 7.01 -7.44 25.35
N ASN A 226 5.83 -7.23 24.76
CA ASN A 226 4.68 -8.13 25.02
C ASN A 226 4.50 -9.31 24.07
N MET A 227 5.45 -9.54 23.17
CA MET A 227 5.38 -10.65 22.23
CA MET A 227 5.40 -10.72 22.25
C MET A 227 5.26 -11.96 23.04
N ARG A 228 4.23 -12.74 22.77
CA ARG A 228 3.97 -13.94 23.60
C ARG A 228 3.44 -15.09 22.73
N LEU A 229 3.52 -16.34 23.23
CA LEU A 229 2.98 -17.43 22.40
C LEU A 229 1.49 -17.18 22.06
N MET A 230 1.15 -17.53 20.81
CA MET A 230 -0.22 -17.42 20.33
C MET A 230 -1.08 -18.40 21.08
N LYS A 231 -2.33 -17.97 21.34
CA LYS A 231 -3.32 -18.82 22.04
C LYS A 231 -4.58 -18.89 21.17
N LYS A 232 -5.46 -19.85 21.47
CA LYS A 232 -6.72 -19.96 20.68
C LYS A 232 -7.47 -18.65 20.48
N LYS A 233 -7.52 -17.84 21.53
CA LYS A 233 -8.26 -16.59 21.42
C LYS A 233 -7.73 -15.62 20.35
N ASP A 234 -6.51 -15.84 19.91
CA ASP A 234 -5.88 -14.96 18.94
C ASP A 234 -6.10 -15.33 17.44
N VAL A 235 -6.85 -16.42 17.18
CA VAL A 235 -7.02 -16.88 15.78
C VAL A 235 -7.68 -15.83 14.87
N GLU A 236 -8.77 -15.17 15.37
CA GLU A 236 -9.45 -14.12 14.61
C GLU A 236 -8.46 -12.98 14.26
N GLY A 237 -7.70 -12.53 15.23
CA GLY A 237 -6.77 -11.41 15.04
C GLY A 237 -5.59 -11.75 14.17
N VAL A 238 -5.09 -12.98 14.30
CA VAL A 238 -4.07 -13.45 13.36
C VAL A 238 -4.60 -13.55 11.94
N HIS A 239 -5.86 -14.01 11.77
CA HIS A 239 -6.39 -14.19 10.44
C HIS A 239 -6.54 -12.79 9.78
N LYS A 240 -6.96 -11.81 10.55
CA LYS A 240 -7.07 -10.46 9.99
C LYS A 240 -5.74 -9.82 9.69
N LEU A 241 -4.77 -9.92 10.60
CA LEU A 241 -3.47 -9.27 10.34
C LEU A 241 -2.72 -9.96 9.15
N LEU A 242 -2.65 -11.27 9.20
CA LEU A 242 -1.92 -11.99 8.11
C LEU A 242 -2.65 -11.87 6.80
N GLY A 243 -3.99 -12.11 6.83
CA GLY A 243 -4.77 -12.13 5.60
C GLY A 243 -4.67 -10.81 4.88
N SER A 244 -4.65 -9.71 5.62
N SER A 244 -4.65 -9.71 5.62
CA SER A 244 -4.51 -8.41 4.98
CA SER A 244 -4.56 -8.39 4.99
C SER A 244 -3.11 -8.25 4.38
C SER A 244 -3.12 -8.06 4.48
N TYR A 245 -2.09 -8.53 5.20
CA TYR A 245 -0.70 -8.43 4.75
C TYR A 245 -0.38 -9.15 3.42
N LEU A 246 -0.87 -10.38 3.32
CA LEU A 246 -0.48 -11.23 2.25
C LEU A 246 -1.05 -10.69 0.90
N GLU A 247 -2.07 -9.80 0.91
CA GLU A 247 -2.66 -9.49 -0.34
C GLU A 247 -1.77 -8.64 -1.25
N GLN A 248 -0.71 -8.05 -0.73
CA GLN A 248 0.22 -7.36 -1.59
C GLN A 248 1.04 -8.25 -2.56
N PHE A 249 1.19 -9.55 -2.26
CA PHE A 249 2.14 -10.36 -3.04
C PHE A 249 1.55 -10.93 -4.27
N ASN A 250 2.46 -11.41 -5.13
CA ASN A 250 2.03 -12.07 -6.35
CA ASN A 250 2.14 -12.09 -6.40
C ASN A 250 1.64 -13.56 -6.21
N LEU A 251 1.94 -14.15 -5.08
CA LEU A 251 1.72 -15.61 -4.91
C LEU A 251 1.54 -15.82 -3.39
N TYR A 252 0.34 -16.22 -2.92
CA TYR A 252 0.15 -16.44 -1.51
C TYR A 252 -1.02 -17.40 -1.29
N ALA A 253 -1.09 -18.08 -0.14
CA ALA A 253 -2.26 -18.86 0.17
C ALA A 253 -3.34 -17.93 0.77
N VAL A 254 -4.59 -18.26 0.51
CA VAL A 254 -5.75 -17.54 1.08
C VAL A 254 -6.29 -18.38 2.26
N PHE A 255 -5.93 -18.02 3.49
CA PHE A 255 -6.29 -18.81 4.68
C PHE A 255 -7.67 -18.49 5.18
N THR A 256 -8.48 -19.52 5.43
CA THR A 256 -9.67 -19.34 6.32
C THR A 256 -9.24 -19.33 7.79
N LYS A 257 -10.17 -19.02 8.68
CA LYS A 257 -9.87 -19.04 10.15
C LYS A 257 -9.45 -20.43 10.61
N GLU A 258 -10.10 -21.50 10.07
CA GLU A 258 -9.75 -22.83 10.49
CA GLU A 258 -9.81 -22.93 10.31
C GLU A 258 -8.32 -23.17 10.03
N GLU A 259 -7.92 -22.66 8.87
CA GLU A 259 -6.50 -22.81 8.41
C GLU A 259 -5.54 -22.01 9.29
N ILE A 260 -5.91 -20.79 9.73
CA ILE A 260 -5.02 -20.07 10.66
C ILE A 260 -4.83 -20.86 11.91
N ALA A 261 -5.92 -21.47 12.41
CA ALA A 261 -5.79 -22.18 13.66
C ALA A 261 -4.85 -23.37 13.46
N HIS A 262 -5.01 -24.06 12.34
CA HIS A 262 -4.14 -25.20 12.16
C HIS A 262 -2.67 -24.80 11.96
N TRP A 263 -2.42 -23.81 11.10
CA TRP A 263 -1.02 -23.53 10.71
C TRP A 263 -0.24 -22.73 11.74
N PHE A 264 -0.92 -22.00 12.60
CA PHE A 264 -0.24 -21.19 13.59
C PHE A 264 -0.33 -21.56 15.07
N LEU A 265 -1.41 -22.22 15.56
CA LEU A 265 -1.39 -22.50 16.96
C LEU A 265 -0.12 -23.33 17.36
N PRO A 266 0.57 -22.89 18.43
CA PRO A 266 1.90 -23.49 18.69
C PRO A 266 1.84 -25.00 19.01
N ILE A 267 2.79 -25.74 18.45
CA ILE A 267 3.04 -27.15 18.88
C ILE A 267 4.55 -27.29 19.13
N GLU A 268 4.91 -27.64 20.37
CA GLU A 268 6.33 -27.76 20.79
C GLU A 268 7.08 -28.57 19.76
N ASN A 269 8.29 -28.09 19.40
CA ASN A 269 9.15 -28.79 18.40
C ASN A 269 8.57 -28.93 17.02
N VAL A 270 7.50 -28.19 16.73
CA VAL A 270 6.91 -28.15 15.38
C VAL A 270 6.72 -26.75 14.82
N ILE A 271 5.80 -26.02 15.41
CA ILE A 271 5.46 -24.66 14.93
C ILE A 271 5.43 -23.70 16.11
N TYR A 272 6.11 -22.54 15.96
CA TYR A 272 6.19 -21.52 17.09
C TYR A 272 5.54 -20.24 16.50
N THR A 273 4.43 -19.73 17.11
CA THR A 273 3.88 -18.45 16.67
C THR A 273 3.80 -17.54 17.91
N TYR A 274 4.25 -16.30 17.78
CA TYR A 274 4.13 -15.31 18.88
C TYR A 274 3.37 -14.08 18.37
N VAL A 275 2.63 -13.44 19.26
CA VAL A 275 1.78 -12.30 18.88
C VAL A 275 1.99 -11.17 19.87
N ASN A 276 1.75 -9.94 19.40
CA ASN A 276 1.67 -8.80 20.23
C ASN A 276 0.22 -8.28 20.19
N GLU A 277 -0.44 -8.38 21.33
CA GLU A 277 -1.83 -7.94 21.47
C GLU A 277 -1.87 -6.56 22.12
N GLU A 278 -2.57 -5.63 21.52
CA GLU A 278 -2.85 -4.35 22.21
C GLU A 278 -4.38 -4.11 22.10
N ASN A 279 -5.06 -3.81 23.20
CA ASN A 279 -6.52 -3.49 23.13
C ASN A 279 -7.34 -4.68 22.65
N GLY A 280 -6.89 -5.89 22.96
CA GLY A 280 -7.44 -7.10 22.34
C GLY A 280 -7.30 -7.22 20.82
N LYS A 281 -6.37 -6.46 20.21
CA LYS A 281 -6.08 -6.48 18.76
C LYS A 281 -4.69 -7.08 18.53
N ILE A 282 -4.58 -7.98 17.57
CA ILE A 282 -3.22 -8.59 17.25
C ILE A 282 -2.56 -7.60 16.28
N LYS A 283 -1.49 -6.90 16.70
CA LYS A 283 -0.85 -5.86 15.92
C LYS A 283 0.49 -6.34 15.28
N ASP A 284 1.03 -7.49 15.71
CA ASP A 284 2.33 -7.96 15.21
C ASP A 284 2.34 -9.48 15.41
N MET A 285 3.06 -10.18 14.51
CA MET A 285 3.23 -11.63 14.72
C MET A 285 4.62 -12.09 14.22
N ILE A 286 5.12 -13.17 14.83
CA ILE A 286 6.37 -13.84 14.38
C ILE A 286 5.98 -15.32 14.29
N SER A 287 6.45 -16.01 13.25
CA SER A 287 6.31 -17.53 13.29
C SER A 287 7.48 -18.17 12.66
N PHE A 288 7.85 -19.32 13.19
CA PHE A 288 8.86 -20.16 12.49
C PHE A 288 8.58 -21.63 12.86
N TYR A 289 8.99 -22.57 12.00
CA TYR A 289 8.77 -24.03 12.23
C TYR A 289 10.13 -24.67 12.49
N SER A 290 10.09 -25.84 13.13
CA SER A 290 11.35 -26.54 13.54
C SER A 290 11.62 -27.60 12.48
N LEU A 291 12.81 -27.59 11.84
CA LEU A 291 13.15 -28.57 10.75
C LEU A 291 14.57 -28.92 11.04
N PRO A 292 14.77 -29.95 11.85
CA PRO A 292 16.19 -30.15 12.15
C PRO A 292 16.92 -30.83 10.96
N SER A 293 18.23 -30.73 10.94
CA SER A 293 19.03 -31.57 10.00
C SER A 293 19.76 -32.66 10.81
N GLN A 294 19.71 -33.88 10.28
CA GLN A 294 20.58 -34.93 10.72
C GLN A 294 22.00 -34.62 10.15
N ILE A 295 22.98 -34.70 11.06
CA ILE A 295 24.37 -34.40 10.67
C ILE A 295 25.02 -35.78 10.38
N LEU A 296 25.57 -35.92 9.19
CA LEU A 296 26.13 -37.21 8.78
C LEU A 296 27.68 -37.22 9.01
N GLY A 297 28.14 -38.18 9.80
CA GLY A 297 29.56 -38.45 9.98
C GLY A 297 30.32 -37.49 10.91
N ASN A 298 29.63 -36.83 11.84
CA ASN A 298 30.33 -35.97 12.83
C ASN A 298 30.36 -36.74 14.15
N ASP A 299 31.55 -36.95 14.75
CA ASP A 299 31.62 -37.76 15.96
C ASP A 299 30.90 -37.12 17.15
N LYS A 300 30.79 -35.79 17.23
CA LYS A 300 30.27 -35.21 18.44
C LYS A 300 28.79 -34.97 18.38
N TYR A 301 28.28 -34.52 17.21
CA TYR A 301 26.87 -34.09 17.08
C TYR A 301 26.14 -34.90 15.99
N SER A 302 24.89 -35.25 16.26
CA SER A 302 24.09 -35.95 15.25
C SER A 302 22.93 -35.05 14.73
N THR A 303 22.64 -33.98 15.48
CA THR A 303 21.46 -33.14 15.07
C THR A 303 21.78 -31.66 15.05
N LEU A 304 21.30 -30.99 14.02
CA LEU A 304 21.40 -29.52 13.98
C LEU A 304 19.93 -29.04 14.16
N ASN A 305 19.64 -28.28 15.22
N ASN A 305 19.72 -28.17 15.13
CA ASN A 305 18.27 -27.74 15.40
CA ASN A 305 18.40 -27.64 15.44
C ASN A 305 18.16 -26.37 14.74
C ASN A 305 18.23 -26.31 14.68
N ALA A 306 17.21 -26.25 13.80
CA ALA A 306 17.08 -25.10 12.90
C ALA A 306 15.64 -24.61 12.92
N ALA A 307 15.46 -23.29 13.11
CA ALA A 307 14.18 -22.60 13.03
C ALA A 307 14.11 -22.01 11.65
N TYR A 308 12.97 -22.18 11.01
CA TYR A 308 12.69 -21.77 9.66
C TYR A 308 11.61 -20.67 9.70
N SER A 309 12.04 -19.45 9.34
CA SER A 309 11.12 -18.28 9.25
C SER A 309 9.94 -18.61 8.34
N PHE A 310 8.70 -18.35 8.86
CA PHE A 310 7.49 -18.79 8.21
C PHE A 310 6.78 -17.48 7.84
N TYR A 311 5.92 -16.94 8.70
CA TYR A 311 5.25 -15.67 8.43
C TYR A 311 5.47 -14.65 9.50
N ASN A 312 5.87 -13.40 9.16
CA ASN A 312 6.22 -12.37 10.17
C ASN A 312 5.58 -11.04 9.71
N VAL A 313 4.82 -10.40 10.59
CA VAL A 313 4.13 -9.13 10.21
C VAL A 313 4.31 -8.12 11.37
N THR A 314 4.69 -6.91 11.03
CA THR A 314 4.74 -5.89 12.08
C THR A 314 3.93 -4.61 11.66
N THR A 315 3.21 -4.08 12.63
CA THR A 315 2.56 -2.71 12.47
C THR A 315 3.03 -1.70 13.57
N THR A 316 3.73 -2.15 14.59
CA THR A 316 4.12 -1.30 15.70
C THR A 316 5.67 -1.15 15.82
N ALA A 317 6.43 -1.82 14.98
CA ALA A 317 7.91 -1.79 15.00
C ALA A 317 8.41 -1.78 13.58
N THR A 318 9.75 -1.70 13.39
CA THR A 318 10.29 -1.85 12.04
C THR A 318 10.48 -3.37 11.74
N PHE A 319 10.48 -3.71 10.46
CA PHE A 319 10.59 -5.14 10.08
C PHE A 319 11.94 -5.64 10.69
N LYS A 320 13.00 -4.78 10.67
CA LYS A 320 14.22 -5.23 11.27
C LYS A 320 14.08 -5.55 12.79
N GLN A 321 13.38 -4.68 13.56
CA GLN A 321 13.12 -4.98 14.94
C GLN A 321 12.35 -6.28 15.15
N LEU A 322 11.40 -6.59 14.23
CA LEU A 322 10.54 -7.73 14.40
C LEU A 322 11.40 -8.99 14.21
N MET A 323 12.21 -8.97 13.13
CA MET A 323 13.12 -10.14 12.77
C MET A 323 14.23 -10.36 13.79
N GLN A 324 14.65 -9.27 14.44
CA GLN A 324 15.59 -9.41 15.53
C GLN A 324 14.94 -10.17 16.70
N ASP A 325 13.71 -9.80 17.08
CA ASP A 325 12.93 -10.58 18.07
C ASP A 325 12.68 -12.01 17.62
N ALA A 326 12.44 -12.24 16.32
CA ALA A 326 12.27 -13.65 15.85
C ALA A 326 13.56 -14.45 16.18
N ILE A 327 14.70 -13.87 15.83
CA ILE A 327 16.00 -14.59 16.14
C ILE A 327 16.12 -14.89 17.66
N LEU A 328 15.73 -13.91 18.48
CA LEU A 328 15.90 -14.05 19.92
C LEU A 328 14.98 -15.17 20.39
N LEU A 329 13.72 -15.15 19.92
CA LEU A 329 12.74 -16.20 20.34
C LEU A 329 13.19 -17.59 19.83
N ALA A 330 13.81 -17.66 18.65
CA ALA A 330 14.41 -18.94 18.24
C ALA A 330 15.52 -19.36 19.25
N LYS A 331 16.34 -18.40 19.63
CA LYS A 331 17.47 -18.65 20.57
C LYS A 331 16.93 -19.16 21.91
N ARG A 332 15.82 -18.56 22.35
CA ARG A 332 15.25 -18.92 23.62
C ARG A 332 14.68 -20.29 23.55
N ASN A 333 14.41 -20.78 22.33
CA ASN A 333 13.83 -22.11 22.24
C ASN A 333 14.92 -23.18 21.80
N ASN A 334 16.18 -22.89 22.04
N ASN A 334 16.18 -22.86 22.05
CA ASN A 334 17.26 -23.87 21.85
CA ASN A 334 17.26 -23.80 21.85
C ASN A 334 17.75 -24.12 20.40
C ASN A 334 17.50 -24.24 20.39
N PHE A 335 17.30 -23.30 19.46
CA PHE A 335 17.71 -23.44 18.06
C PHE A 335 19.14 -22.95 17.85
N ASP A 336 19.87 -23.66 17.00
CA ASP A 336 21.29 -23.40 16.74
C ASP A 336 21.43 -22.37 15.64
N VAL A 337 20.44 -22.26 14.75
CA VAL A 337 20.54 -21.41 13.50
C VAL A 337 19.08 -20.97 13.15
N PHE A 338 18.95 -19.79 12.55
CA PHE A 338 17.69 -19.24 12.05
C PHE A 338 17.76 -19.05 10.57
N ASN A 339 16.90 -19.79 9.82
CA ASN A 339 17.05 -19.84 8.37
C ASN A 339 15.88 -19.02 7.79
N ALA A 340 16.20 -18.21 6.79
CA ALA A 340 15.13 -17.51 6.05
C ALA A 340 15.32 -17.57 4.52
N LEU A 341 14.21 -17.49 3.78
CA LEU A 341 14.25 -17.32 2.37
C LEU A 341 14.15 -15.81 2.06
N GLU A 342 14.71 -15.41 0.93
CA GLU A 342 14.55 -13.99 0.43
C GLU A 342 13.17 -13.70 -0.20
N VAL A 343 12.13 -14.10 0.52
CA VAL A 343 10.75 -13.81 0.11
C VAL A 343 10.22 -12.64 0.95
N MET A 344 9.01 -12.17 0.58
CA MET A 344 8.37 -11.08 1.31
C MET A 344 9.36 -9.92 1.54
N GLN A 345 9.47 -9.40 2.75
CA GLN A 345 10.40 -8.28 3.05
C GLN A 345 11.72 -8.76 3.61
N ASN A 346 12.01 -10.08 3.48
CA ASN A 346 13.11 -10.65 4.29
C ASN A 346 14.47 -10.13 3.92
N LYS A 347 14.72 -9.99 2.65
CA LYS A 347 16.09 -9.72 2.22
C LYS A 347 16.57 -8.40 2.82
N SER A 348 15.65 -7.46 3.01
CA SER A 348 16.04 -6.10 3.45
C SER A 348 16.69 -6.09 4.84
N VAL A 349 16.53 -7.17 5.64
CA VAL A 349 17.10 -7.23 6.98
C VAL A 349 18.34 -8.15 7.08
N PHE A 350 18.65 -8.89 6.03
CA PHE A 350 19.70 -9.88 6.14
C PHE A 350 21.05 -9.29 6.48
N GLU A 351 21.45 -8.18 5.81
CA GLU A 351 22.79 -7.63 6.08
CA GLU A 351 22.78 -7.61 6.10
C GLU A 351 22.93 -7.13 7.55
N ASP A 352 21.98 -6.31 8.01
CA ASP A 352 22.07 -5.67 9.35
C ASP A 352 21.94 -6.69 10.47
N LEU A 353 21.15 -7.77 10.20
CA LEU A 353 20.91 -8.81 11.22
C LEU A 353 21.96 -9.97 11.13
N LYS A 354 23.03 -9.78 10.34
CA LYS A 354 24.13 -10.72 10.30
C LYS A 354 23.77 -12.08 9.71
N PHE A 355 22.86 -12.14 8.74
CA PHE A 355 22.62 -13.42 8.04
C PHE A 355 23.75 -13.65 7.01
N GLY A 356 24.12 -14.91 6.77
CA GLY A 356 25.07 -15.28 5.72
C GLY A 356 24.35 -15.92 4.56
N GLU A 357 24.71 -15.58 3.34
CA GLU A 357 24.11 -16.26 2.14
C GLU A 357 24.45 -17.73 2.14
N GLY A 358 23.45 -18.59 1.95
CA GLY A 358 23.72 -20.05 1.84
C GLY A 358 24.27 -20.44 0.46
N ASP A 359 24.13 -21.73 0.15
CA ASP A 359 24.78 -22.32 -1.00
C ASP A 359 23.84 -22.65 -2.17
N GLY A 360 22.61 -22.18 -2.12
CA GLY A 360 21.66 -22.62 -3.23
C GLY A 360 20.35 -21.89 -3.02
N SER A 361 19.35 -22.35 -3.77
CA SER A 361 18.11 -21.62 -3.72
C SER A 361 16.94 -22.60 -3.85
N LEU A 362 15.77 -22.12 -3.45
CA LEU A 362 14.52 -22.88 -3.57
C LEU A 362 13.67 -22.32 -4.68
N LYS A 363 13.30 -23.21 -5.64
CA LYS A 363 12.48 -22.81 -6.82
C LYS A 363 10.99 -23.06 -6.50
N TYR A 364 10.13 -22.08 -6.81
CA TYR A 364 8.71 -22.20 -6.60
C TYR A 364 8.11 -22.55 -7.98
N TYR A 365 7.26 -23.61 -8.05
CA TYR A 365 6.67 -24.05 -9.31
C TYR A 365 5.15 -24.09 -9.21
N LEU A 366 4.47 -23.98 -10.35
CA LEU A 366 3.05 -24.26 -10.48
C LEU A 366 2.90 -25.31 -11.54
N TYR A 367 1.93 -26.18 -11.34
CA TYR A 367 1.50 -27.17 -12.33
C TYR A 367 0.24 -26.75 -13.06
N ASN A 368 0.29 -26.82 -14.40
CA ASN A 368 -0.80 -26.41 -15.31
C ASN A 368 -1.24 -24.94 -15.08
N TRP A 369 -0.24 -24.04 -15.07
CA TRP A 369 -0.55 -22.63 -14.94
C TRP A 369 0.56 -21.85 -15.62
N LYS A 370 0.11 -21.00 -16.53
CA LYS A 370 0.99 -20.18 -17.39
C LYS A 370 0.90 -18.72 -16.85
N CYS A 371 2.05 -18.08 -16.61
CA CYS A 371 2.05 -16.72 -16.05
C CYS A 371 3.44 -16.12 -16.11
N ALA A 372 3.53 -14.82 -15.83
CA ALA A 372 4.83 -14.15 -15.77
C ALA A 372 5.56 -14.62 -14.48
N SER A 373 6.87 -14.77 -14.58
CA SER A 373 7.68 -15.11 -13.41
C SER A 373 7.97 -13.80 -12.67
N PHE A 374 8.52 -13.86 -11.45
CA PHE A 374 8.73 -12.67 -10.71
C PHE A 374 9.84 -12.85 -9.69
N ALA A 375 10.37 -11.73 -9.23
CA ALA A 375 11.48 -11.73 -8.23
C ALA A 375 10.88 -12.26 -6.90
N PRO A 376 11.72 -12.94 -6.10
CA PRO A 376 11.18 -13.49 -4.77
C PRO A 376 10.62 -12.56 -3.69
N ALA A 377 10.96 -11.27 -3.77
CA ALA A 377 10.31 -10.31 -2.84
C ALA A 377 8.78 -10.33 -3.05
N HIS A 378 8.34 -10.76 -4.24
CA HIS A 378 6.89 -10.77 -4.56
C HIS A 378 6.23 -12.13 -4.23
N VAL A 379 7.02 -13.14 -3.77
CA VAL A 379 6.52 -14.38 -3.21
C VAL A 379 6.09 -14.15 -1.77
N GLY A 380 4.84 -14.59 -1.48
CA GLY A 380 4.15 -14.39 -0.21
C GLY A 380 3.68 -15.73 0.37
N ILE A 381 4.36 -16.81 -0.03
CA ILE A 381 4.05 -18.13 0.60
C ILE A 381 5.34 -18.85 0.97
N VAL A 382 5.27 -19.53 2.12
CA VAL A 382 6.39 -20.36 2.61
C VAL A 382 5.87 -21.84 2.74
N LEU A 383 6.43 -22.75 1.95
CA LEU A 383 6.02 -24.17 2.13
C LEU A 383 6.79 -24.86 3.23
N LEU A 384 6.50 -26.18 3.48
CA LEU A 384 7.19 -26.86 4.56
C LEU A 384 8.34 -27.72 4.08
N ASP B 1 31.34 11.25 12.11
CA ASP B 1 31.05 12.50 12.90
C ASP B 1 29.87 13.52 12.50
N TYR B 2 29.92 14.08 11.31
CA TYR B 2 28.80 14.91 10.84
C TYR B 2 28.53 16.17 11.57
N LYS B 3 29.58 16.96 11.76
CA LYS B 3 29.44 18.18 12.51
C LYS B 3 28.52 19.16 11.82
N PHE B 4 28.53 19.19 10.49
CA PHE B 4 27.49 20.00 9.74
C PHE B 4 26.12 19.31 9.67
N TRP B 5 26.09 18.07 9.24
CA TRP B 5 24.76 17.40 8.98
C TRP B 5 23.98 17.27 10.23
N TYR B 6 24.67 17.19 11.40
CA TYR B 6 23.89 16.98 12.64
C TYR B 6 23.15 18.23 13.13
N THR B 7 23.47 19.36 12.56
CA THR B 7 22.79 20.69 12.86
C THR B 7 21.52 20.81 11.96
N GLN B 8 21.37 19.88 11.02
CA GLN B 8 20.29 19.88 9.98
C GLN B 8 19.09 19.00 10.32
N PRO B 9 17.88 19.28 9.79
CA PRO B 9 16.71 18.46 10.03
C PRO B 9 16.73 17.21 9.15
N VAL B 10 17.60 16.24 9.50
CA VAL B 10 17.76 15.00 8.77
C VAL B 10 17.90 13.95 9.90
N PRO B 11 17.84 12.69 9.53
CA PRO B 11 17.96 11.72 10.61
C PRO B 11 19.40 11.62 11.18
N LYS B 12 19.49 11.23 12.47
CA LYS B 12 20.82 10.86 13.07
C LYS B 12 21.24 9.49 12.52
N ILE B 13 22.54 9.20 12.53
CA ILE B 13 22.97 7.95 11.90
C ILE B 13 22.23 6.72 12.46
N ASN B 14 21.84 6.78 13.73
CA ASN B 14 21.15 5.63 14.34
C ASN B 14 19.63 5.72 14.40
N ASP B 15 19.04 6.60 13.58
CA ASP B 15 17.59 6.69 13.54
C ASP B 15 16.95 5.66 12.66
N GLU B 16 15.91 5.06 13.21
CA GLU B 16 15.08 4.16 12.43
CA GLU B 16 15.09 4.02 12.54
C GLU B 16 13.63 4.38 12.78
N PHE B 17 12.82 4.47 11.73
CA PHE B 17 11.42 4.84 11.95
C PHE B 17 10.52 3.80 11.39
N ASN B 18 9.37 3.49 12.05
CA ASN B 18 8.33 2.58 11.54
CA ASN B 18 8.50 2.51 11.40
C ASN B 18 7.60 3.15 10.30
N GLU B 19 6.86 2.31 9.62
CA GLU B 19 6.20 2.73 8.41
C GLU B 19 5.13 3.76 8.65
N SER B 20 4.56 3.76 9.83
CA SER B 20 3.55 4.73 10.17
C SER B 20 4.05 6.19 10.33
N VAL B 21 5.37 6.43 10.37
CA VAL B 21 5.90 7.79 10.57
C VAL B 21 6.23 8.26 9.16
N ASN B 22 5.67 9.41 8.76
CA ASN B 22 5.85 9.93 7.41
C ASN B 22 5.52 11.45 7.55
N GLU B 23 6.49 12.24 7.98
CA GLU B 23 6.23 13.65 8.30
C GLU B 23 7.51 14.53 8.40
N PRO B 24 7.36 15.85 8.47
CA PRO B 24 8.64 16.53 8.58
C PRO B 24 9.33 16.38 9.91
N PHE B 25 10.63 16.64 9.93
CA PHE B 25 11.29 16.96 11.20
C PHE B 25 10.81 18.27 11.88
N ILE B 26 10.67 19.35 11.12
CA ILE B 26 10.26 20.63 11.59
C ILE B 26 9.07 21.10 10.73
N SER B 27 7.93 21.32 11.39
CA SER B 27 6.71 21.76 10.75
C SER B 27 6.41 23.18 11.09
N ASP B 28 5.36 23.71 10.51
CA ASP B 28 4.96 25.10 10.83
C ASP B 28 6.06 26.17 10.57
N ASN B 29 6.83 25.96 9.52
CA ASN B 29 7.79 26.95 8.99
C ASN B 29 7.13 28.21 8.37
N LYS B 30 7.79 29.35 8.51
CA LYS B 30 7.27 30.66 8.13
C LYS B 30 8.20 31.40 7.21
N VAL B 31 7.72 31.68 5.97
CA VAL B 31 8.53 32.44 4.99
C VAL B 31 9.04 33.77 5.57
N GLU B 32 8.16 34.41 6.37
CA GLU B 32 8.39 35.69 7.05
C GLU B 32 9.68 35.67 7.85
N ASP B 33 9.97 34.50 8.42
CA ASP B 33 11.06 34.35 9.36
C ASP B 33 12.39 33.98 8.69
N VAL B 34 12.35 33.58 7.43
CA VAL B 34 13.58 33.12 6.72
C VAL B 34 14.61 34.24 6.64
N ARG B 35 15.87 33.89 6.76
CA ARG B 35 16.97 34.90 6.66
C ARG B 35 16.88 35.58 5.31
N LYS B 36 16.88 36.93 5.28
CA LYS B 36 16.96 37.61 3.97
C LYS B 36 18.37 37.98 3.52
N ASP B 37 19.39 37.78 4.37
CA ASP B 37 20.82 38.03 4.00
C ASP B 37 21.50 36.77 3.47
N GLU B 38 22.20 36.88 2.31
CA GLU B 38 23.01 35.78 1.75
C GLU B 38 23.98 35.30 2.80
N TYR B 39 24.32 33.99 2.83
CA TYR B 39 25.34 33.47 3.72
C TYR B 39 26.69 34.07 3.33
N LYS B 40 27.56 34.21 4.36
CA LYS B 40 28.83 34.84 4.14
C LYS B 40 29.78 33.88 3.56
N LEU B 41 30.59 34.35 2.61
CA LEU B 41 31.63 33.55 2.00
C LEU B 41 33.01 34.00 2.52
N PRO B 42 34.04 33.17 2.38
CA PRO B 42 35.40 33.70 2.78
C PRO B 42 35.87 34.90 1.96
N PRO B 43 36.83 35.68 2.51
CA PRO B 43 37.30 36.84 1.75
C PRO B 43 37.73 36.56 0.31
N GLY B 44 37.27 37.37 -0.59
CA GLY B 44 37.66 37.27 -1.99
C GLY B 44 36.77 36.41 -2.85
N TYR B 45 35.65 35.93 -2.28
CA TYR B 45 34.68 35.11 -3.02
C TYR B 45 33.35 35.81 -2.99
N SER B 46 32.57 35.58 -4.06
CA SER B 46 31.25 36.22 -4.17
CA SER B 46 31.21 36.15 -4.05
C SER B 46 30.20 35.25 -4.73
N TRP B 47 28.94 35.41 -4.33
CA TRP B 47 27.86 34.69 -4.98
C TRP B 47 27.68 35.23 -6.40
N TYR B 48 27.26 34.37 -7.34
CA TYR B 48 27.07 34.75 -8.73
C TYR B 48 25.66 34.23 -9.16
N VAL B 49 24.91 35.09 -9.84
CA VAL B 49 23.62 34.66 -10.28
C VAL B 49 23.85 33.96 -11.64
N CYS B 50 23.80 32.61 -11.72
CA CYS B 50 24.06 31.97 -13.03
C CYS B 50 22.80 32.00 -13.88
N ASP B 51 22.87 32.52 -15.09
CA ASP B 51 21.75 32.49 -16.04
C ASP B 51 22.00 31.31 -16.99
N VAL B 52 21.32 30.17 -16.71
CA VAL B 52 21.69 28.97 -17.43
CA VAL B 52 21.58 28.94 -17.41
C VAL B 52 21.24 29.04 -18.91
N LYS B 53 20.31 29.94 -19.25
CA LYS B 53 19.99 30.22 -20.66
C LYS B 53 21.02 31.05 -21.38
N ASP B 54 21.92 31.69 -20.63
CA ASP B 54 22.98 32.52 -21.23
C ASP B 54 24.20 31.64 -21.53
N GLU B 55 24.54 31.53 -22.84
CA GLU B 55 25.62 30.72 -23.35
C GLU B 55 26.89 30.87 -22.53
N LYS B 56 27.27 32.11 -22.23
CA LYS B 56 28.48 32.30 -21.47
C LYS B 56 28.47 31.75 -19.98
N ASP B 57 27.44 32.12 -19.23
CA ASP B 57 27.18 31.52 -17.90
C ASP B 57 27.12 30.01 -17.96
N ARG B 58 26.41 29.47 -18.97
CA ARG B 58 26.32 27.99 -19.09
C ARG B 58 27.68 27.38 -19.37
N SER B 59 28.51 28.07 -20.18
CA SER B 59 29.79 27.49 -20.49
C SER B 59 30.71 27.50 -19.25
N GLU B 60 30.58 28.49 -18.35
CA GLU B 60 31.40 28.47 -17.14
C GLU B 60 30.96 27.38 -16.19
N ILE B 61 29.64 27.09 -16.15
CA ILE B 61 29.19 25.93 -15.32
C ILE B 61 29.74 24.65 -15.92
N TYR B 62 29.66 24.55 -17.24
CA TYR B 62 30.15 23.38 -17.97
C TYR B 62 31.64 23.14 -17.63
N THR B 63 32.44 24.20 -17.73
CA THR B 63 33.87 24.09 -17.42
C THR B 63 34.12 23.64 -16.00
N LEU B 64 33.38 24.26 -15.04
CA LEU B 64 33.54 23.82 -13.67
C LEU B 64 33.27 22.31 -13.45
N LEU B 65 32.18 21.78 -14.01
CA LEU B 65 31.84 20.39 -13.79
C LEU B 65 32.75 19.45 -14.56
N THR B 66 33.09 19.85 -15.79
CA THR B 66 33.99 19.00 -16.65
C THR B 66 35.29 18.77 -15.88
N ASP B 67 35.81 19.82 -15.26
CA ASP B 67 37.12 19.69 -14.51
C ASP B 67 37.06 19.13 -13.09
N ASN B 68 35.88 19.24 -12.38
CA ASN B 68 35.88 19.10 -10.93
C ASN B 68 34.72 18.26 -10.40
N TYR B 69 33.87 17.71 -11.32
CA TYR B 69 32.70 16.89 -10.84
C TYR B 69 33.03 15.46 -10.48
N VAL B 70 32.00 14.63 -10.28
CA VAL B 70 32.19 13.35 -9.64
C VAL B 70 33.05 12.38 -10.44
N GLU B 71 34.00 11.72 -9.72
CA GLU B 71 34.80 10.66 -10.36
C GLU B 71 34.44 9.31 -9.77
N ASP B 72 34.75 8.23 -10.51
CA ASP B 72 34.54 6.86 -9.99
C ASP B 72 35.54 6.68 -8.93
N ASP B 73 35.34 5.61 -8.15
CA ASP B 73 36.13 5.33 -6.93
C ASP B 73 37.61 5.21 -7.23
N ASP B 74 37.95 4.85 -8.48
CA ASP B 74 39.36 4.66 -8.91
C ASP B 74 39.99 5.84 -9.58
N ASN B 75 39.25 6.98 -9.69
CA ASN B 75 39.73 8.22 -10.33
C ASN B 75 40.21 8.03 -11.80
N ILE B 76 39.53 7.17 -12.54
CA ILE B 76 39.84 6.96 -13.93
C ILE B 76 38.79 7.63 -14.82
N PHE B 77 37.55 7.73 -14.34
CA PHE B 77 36.45 8.39 -15.14
C PHE B 77 35.84 9.55 -14.33
N ARG B 78 35.43 10.62 -15.06
CA ARG B 78 34.71 11.76 -14.43
C ARG B 78 33.45 12.05 -15.22
N PHE B 79 32.30 12.21 -14.56
CA PHE B 79 31.11 12.65 -15.30
C PHE B 79 31.42 13.92 -16.12
N ASN B 80 30.87 13.95 -17.35
CA ASN B 80 31.12 15.11 -18.26
C ASN B 80 29.79 15.43 -18.92
N TYR B 81 28.83 15.86 -18.06
CA TYR B 81 27.56 16.42 -18.55
C TYR B 81 27.75 17.48 -19.62
N SER B 82 26.98 17.38 -20.69
CA SER B 82 27.19 18.38 -21.81
C SER B 82 26.48 19.66 -21.44
N ALA B 83 26.87 20.75 -22.08
CA ALA B 83 26.22 22.01 -21.77
C ALA B 83 24.70 21.97 -22.12
N GLU B 84 24.35 21.26 -23.20
CA GLU B 84 22.94 21.08 -23.64
C GLU B 84 22.18 20.29 -22.56
N PHE B 85 22.87 19.33 -21.97
CA PHE B 85 22.23 18.55 -20.87
C PHE B 85 21.94 19.45 -19.71
N LEU B 86 22.91 20.28 -19.35
CA LEU B 86 22.80 21.18 -18.18
C LEU B 86 21.59 22.13 -18.42
N LEU B 87 21.47 22.67 -19.63
CA LEU B 87 20.33 23.54 -19.97
C LEU B 87 19.00 22.77 -19.74
N TRP B 88 18.89 21.55 -20.29
CA TRP B 88 17.68 20.76 -20.07
C TRP B 88 17.39 20.40 -18.57
N ALA B 89 18.46 20.02 -17.86
CA ALA B 89 18.36 19.60 -16.45
C ALA B 89 17.85 20.75 -15.49
N LEU B 90 18.10 22.02 -15.87
CA LEU B 90 17.98 23.07 -14.92
C LEU B 90 16.83 24.00 -15.31
N THR B 91 16.24 23.86 -16.51
CA THR B 91 15.16 24.82 -16.96
C THR B 91 13.77 24.12 -17.18
N SER B 92 13.51 23.12 -16.35
CA SER B 92 12.24 22.44 -16.31
C SER B 92 11.12 23.35 -15.86
N PRO B 93 9.86 22.90 -16.01
CA PRO B 93 8.81 23.85 -15.81
C PRO B 93 8.78 24.54 -14.40
N ASN B 94 8.54 25.87 -14.44
CA ASN B 94 8.44 26.71 -13.24
C ASN B 94 9.76 26.74 -12.44
N TYR B 95 10.89 26.51 -13.12
CA TYR B 95 12.20 26.59 -12.42
C TYR B 95 12.43 27.99 -11.93
N LEU B 96 13.25 28.13 -10.88
CA LEU B 96 13.64 29.39 -10.26
C LEU B 96 15.07 29.74 -10.66
N LYS B 97 15.27 30.97 -11.19
CA LYS B 97 16.65 31.40 -11.48
C LYS B 97 17.48 31.56 -10.22
N THR B 98 16.81 31.85 -9.09
CA THR B 98 17.49 32.14 -7.81
C THR B 98 18.09 30.83 -7.30
N TRP B 99 17.66 29.68 -7.87
CA TRP B 99 18.16 28.40 -7.36
C TRP B 99 19.30 27.85 -8.20
N HIS B 100 19.90 28.70 -9.11
CA HIS B 100 21.10 28.26 -9.89
C HIS B 100 22.25 29.15 -9.39
N ILE B 101 23.06 28.58 -8.50
CA ILE B 101 23.87 29.40 -7.57
C ILE B 101 25.37 29.18 -7.82
N GLY B 102 26.08 30.23 -8.29
CA GLY B 102 27.54 30.11 -8.52
C GLY B 102 28.32 30.79 -7.38
N VAL B 103 29.60 30.42 -7.23
CA VAL B 103 30.54 31.17 -6.39
C VAL B 103 31.75 31.48 -7.27
N LYS B 104 32.11 32.77 -7.31
CA LYS B 104 33.34 33.15 -8.08
C LYS B 104 34.45 33.65 -7.16
N TYR B 105 35.72 33.42 -7.55
CA TYR B 105 36.92 34.06 -7.00
C TYR B 105 37.05 35.44 -7.67
N ASP B 106 36.79 36.51 -6.91
CA ASP B 106 36.70 37.83 -7.49
C ASP B 106 37.92 38.21 -8.32
N ALA B 107 39.12 37.85 -7.86
CA ALA B 107 40.28 38.48 -8.44
C ALA B 107 40.45 37.97 -9.87
N SER B 108 40.18 36.67 -10.08
CA SER B 108 40.25 36.03 -11.38
C SER B 108 38.97 36.03 -12.15
N ASN B 109 37.86 36.40 -11.51
CA ASN B 109 36.54 36.28 -12.13
C ASN B 109 36.20 34.85 -12.65
N LYS B 110 36.65 33.82 -11.95
CA LYS B 110 36.40 32.41 -12.36
C LYS B 110 35.36 31.71 -11.45
N LEU B 111 34.57 30.83 -12.07
CA LEU B 111 33.58 30.06 -11.30
C LEU B 111 34.26 28.91 -10.57
N ILE B 112 34.18 28.87 -9.24
CA ILE B 112 34.85 27.88 -8.42
C ILE B 112 33.88 27.03 -7.57
N GLY B 113 32.62 27.41 -7.53
CA GLY B 113 31.66 26.47 -6.89
C GLY B 113 30.27 26.61 -7.58
N PHE B 114 29.40 25.62 -7.40
CA PHE B 114 28.05 25.69 -7.96
C PHE B 114 27.15 24.78 -7.10
N ILE B 115 25.87 25.13 -7.06
CA ILE B 115 24.81 24.21 -6.54
C ILE B 115 23.51 24.59 -7.22
N SER B 116 22.61 23.59 -7.50
CA SER B 116 21.34 23.96 -8.12
C SER B 116 20.22 23.15 -7.55
N ALA B 117 18.99 23.54 -7.92
CA ALA B 117 17.78 22.79 -7.56
C ALA B 117 16.71 23.18 -8.51
N ILE B 118 15.76 22.25 -8.70
CA ILE B 118 14.54 22.54 -9.51
C ILE B 118 13.38 22.07 -8.68
N PRO B 119 12.21 22.66 -8.87
CA PRO B 119 11.05 22.28 -8.08
C PRO B 119 10.34 21.12 -8.63
N THR B 120 9.82 20.26 -7.73
CA THR B 120 9.07 19.12 -8.26
C THR B 120 8.19 18.56 -7.15
N ASP B 121 7.07 17.94 -7.54
CA ASP B 121 6.19 17.26 -6.58
CA ASP B 121 6.19 17.29 -6.56
C ASP B 121 6.71 15.86 -6.35
N ILE B 122 6.97 15.51 -5.14
CA ILE B 122 7.51 14.20 -4.77
C ILE B 122 6.44 13.57 -3.83
N CYS B 123 6.07 12.34 -4.18
CA CYS B 123 5.21 11.39 -3.42
C CYS B 123 6.12 10.43 -2.60
N ILE B 124 6.09 10.55 -1.28
CA ILE B 124 6.90 9.71 -0.38
C ILE B 124 5.86 8.98 0.53
N HIS B 125 5.82 7.65 0.35
CA HIS B 125 4.87 6.79 1.12
CA HIS B 125 4.91 6.79 1.16
C HIS B 125 3.46 7.37 1.06
N LYS B 126 3.06 7.69 -0.16
CA LYS B 126 1.69 8.17 -0.49
C LYS B 126 1.32 9.58 -0.11
N ARG B 127 2.22 10.40 0.47
CA ARG B 127 1.98 11.81 0.70
C ARG B 127 2.78 12.58 -0.37
N THR B 128 2.09 13.50 -1.04
CA THR B 128 2.72 14.38 -2.05
C THR B 128 3.11 15.73 -1.47
N ILE B 129 4.39 16.09 -1.65
CA ILE B 129 4.96 17.27 -1.04
C ILE B 129 5.75 18.04 -2.11
N LYS B 130 5.59 19.34 -2.14
CA LYS B 130 6.38 20.22 -3.03
CA LYS B 130 6.40 20.12 -3.08
C LYS B 130 7.81 20.20 -2.57
N MET B 131 8.77 19.79 -3.43
CA MET B 131 10.12 19.71 -2.96
C MET B 131 11.11 20.41 -3.88
N ALA B 132 12.34 20.65 -3.39
CA ALA B 132 13.37 21.02 -4.33
C ALA B 132 14.23 19.81 -4.67
N GLU B 133 14.60 19.60 -5.95
CA GLU B 133 15.48 18.48 -6.29
C GLU B 133 16.87 19.09 -6.52
N VAL B 134 17.81 18.72 -5.65
CA VAL B 134 19.12 19.40 -5.57
C VAL B 134 20.14 18.58 -6.37
N ASN B 135 21.01 19.27 -7.13
CA ASN B 135 21.98 18.44 -7.92
C ASN B 135 23.12 19.38 -8.34
N PHE B 136 24.21 18.80 -8.86
CA PHE B 136 25.39 19.51 -9.42
C PHE B 136 26.14 20.35 -8.33
N LEU B 137 26.07 19.95 -7.08
CA LEU B 137 26.97 20.61 -6.06
C LEU B 137 28.43 20.30 -6.45
N CYS B 138 29.27 21.32 -6.51
CA CYS B 138 30.64 21.11 -6.98
C CYS B 138 31.51 22.23 -6.43
N VAL B 139 32.69 21.88 -5.85
CA VAL B 139 33.67 22.90 -5.47
C VAL B 139 34.98 22.53 -6.18
N HIS B 140 35.63 23.55 -6.76
CA HIS B 140 36.90 23.40 -7.44
C HIS B 140 37.83 22.48 -6.63
N LYS B 141 38.54 21.60 -7.34
CA LYS B 141 39.44 20.65 -6.71
C LYS B 141 40.56 21.33 -5.89
N THR B 142 40.88 22.56 -6.21
CA THR B 142 41.90 23.32 -5.45
C THR B 142 41.41 23.92 -4.13
N LEU B 143 40.09 23.89 -3.86
CA LEU B 143 39.49 24.53 -2.68
C LEU B 143 38.70 23.50 -1.86
N ARG B 144 39.10 22.22 -1.89
CA ARG B 144 38.41 21.16 -1.16
C ARG B 144 38.76 21.13 0.36
N SER B 145 37.83 20.64 1.17
CA SER B 145 37.93 20.51 2.57
C SER B 145 38.11 21.80 3.28
N LYS B 146 37.49 22.89 2.76
CA LYS B 146 37.54 24.21 3.41
C LYS B 146 36.17 24.60 4.04
N ARG B 147 35.20 23.67 4.04
CA ARG B 147 33.85 23.99 4.59
C ARG B 147 33.09 24.95 3.67
N LEU B 148 33.35 24.91 2.37
CA LEU B 148 32.57 25.71 1.44
C LEU B 148 31.28 24.99 1.13
N ALA B 149 31.30 23.65 1.01
CA ALA B 149 30.00 22.94 0.67
C ALA B 149 28.85 23.29 1.67
N PRO B 150 29.11 23.30 2.98
CA PRO B 150 27.94 23.70 3.83
C PRO B 150 27.44 25.14 3.58
N VAL B 151 28.31 26.05 3.12
CA VAL B 151 27.81 27.43 2.82
C VAL B 151 26.86 27.32 1.63
N LEU B 152 27.30 26.62 0.57
CA LEU B 152 26.45 26.39 -0.62
C LEU B 152 25.12 25.78 -0.25
N ILE B 153 25.14 24.77 0.64
CA ILE B 153 23.91 24.05 0.97
C ILE B 153 22.95 24.95 1.81
N LYS B 154 23.50 25.69 2.73
CA LYS B 154 22.66 26.58 3.58
C LYS B 154 22.08 27.70 2.72
N GLU B 155 22.84 28.23 1.80
CA GLU B 155 22.32 29.32 0.96
C GLU B 155 21.27 28.85 0.01
N ILE B 156 21.42 27.64 -0.55
CA ILE B 156 20.34 27.21 -1.44
C ILE B 156 19.10 26.90 -0.57
N THR B 157 19.33 26.29 0.60
CA THR B 157 18.17 26.03 1.53
C THR B 157 17.37 27.37 1.85
N ARG B 158 18.11 28.44 2.02
CA ARG B 158 17.54 29.76 2.30
C ARG B 158 16.67 30.17 1.10
N ARG B 159 17.24 30.09 -0.09
CA ARG B 159 16.48 30.52 -1.28
C ARG B 159 15.24 29.68 -1.53
N ILE B 160 15.34 28.37 -1.24
CA ILE B 160 14.20 27.47 -1.48
C ILE B 160 13.11 27.71 -0.43
N ASN B 161 13.52 27.98 0.82
CA ASN B 161 12.55 28.33 1.85
C ASN B 161 11.79 29.68 1.54
N LEU B 162 12.44 30.58 0.82
CA LEU B 162 11.77 31.85 0.44
C LEU B 162 10.62 31.56 -0.60
N GLU B 163 10.58 30.36 -1.14
CA GLU B 163 9.45 29.94 -2.02
C GLU B 163 8.45 29.05 -1.25
N ASN B 164 8.56 29.05 0.06
CA ASN B 164 7.68 28.34 0.97
C ASN B 164 7.74 26.84 0.74
N ILE B 165 8.97 26.40 0.44
CA ILE B 165 9.27 24.99 0.22
C ILE B 165 10.29 24.59 1.28
N TRP B 166 10.02 23.49 1.97
CA TRP B 166 10.74 23.12 3.20
C TRP B 166 11.28 21.67 3.15
N GLN B 167 11.12 21.00 1.99
CA GLN B 167 11.67 19.65 1.88
C GLN B 167 12.51 19.60 0.63
N ALA B 168 13.48 18.69 0.60
CA ALA B 168 14.23 18.46 -0.63
C ALA B 168 14.59 17.01 -0.85
N ILE B 169 14.90 16.66 -2.07
CA ILE B 169 15.40 15.31 -2.38
C ILE B 169 16.69 15.40 -3.16
N TYR B 170 17.61 14.50 -2.86
CA TYR B 170 18.97 14.55 -3.44
C TYR B 170 19.54 13.14 -3.43
N THR B 171 20.57 12.88 -4.21
CA THR B 171 21.21 11.54 -4.25
C THR B 171 22.71 11.81 -4.10
N ALA B 172 23.47 10.87 -3.57
CA ALA B 172 24.96 10.98 -3.63
C ALA B 172 25.50 9.57 -3.55
N GLY B 173 26.76 9.39 -4.03
CA GLY B 173 27.47 8.19 -3.81
C GLY B 173 28.02 8.09 -2.42
N VAL B 174 28.31 9.22 -1.79
CA VAL B 174 28.80 9.18 -0.39
C VAL B 174 27.68 8.95 0.63
N TYR B 175 28.05 8.33 1.73
CA TYR B 175 27.11 8.04 2.82
C TYR B 175 27.03 9.26 3.69
N LEU B 176 25.80 9.75 3.91
CA LEU B 176 25.51 10.90 4.74
C LEU B 176 24.31 10.51 5.62
N PRO B 177 24.07 11.28 6.68
CA PRO B 177 22.83 11.03 7.40
C PRO B 177 21.58 11.49 6.63
N LYS B 178 20.62 10.62 6.41
CA LYS B 178 20.70 9.16 6.42
C LYS B 178 19.84 8.66 5.19
N PRO B 179 20.35 7.65 4.39
CA PRO B 179 19.56 7.26 3.23
C PRO B 179 18.18 6.80 3.55
N VAL B 180 17.22 7.12 2.63
CA VAL B 180 15.93 6.46 2.66
C VAL B 180 15.99 5.21 1.83
N SER B 181 16.96 5.19 0.90
CA SER B 181 17.19 3.91 0.13
C SER B 181 18.60 3.95 -0.51
N ASP B 182 19.11 2.84 -0.98
CA ASP B 182 20.51 2.80 -1.42
C ASP B 182 20.46 1.81 -2.64
N ALA B 183 20.84 2.28 -3.83
CA ALA B 183 20.67 1.41 -5.06
C ALA B 183 22.01 1.27 -5.77
N ARG B 184 22.47 0.03 -5.88
CA ARG B 184 23.67 -0.23 -6.60
C ARG B 184 23.45 0.01 -8.11
N TYR B 185 24.51 0.43 -8.83
CA TYR B 185 24.47 0.50 -10.32
C TYR B 185 25.05 -0.74 -10.96
N TYR B 186 24.51 -1.07 -12.12
CA TYR B 186 24.92 -2.20 -12.97
C TYR B 186 25.12 -1.74 -14.41
N HIS B 187 26.02 -2.44 -15.13
CA HIS B 187 26.46 -1.99 -16.44
C HIS B 187 26.35 -3.06 -17.50
N ARG B 188 25.79 -2.69 -18.63
CA ARG B 188 25.65 -3.73 -19.70
C ARG B 188 26.55 -3.28 -20.86
N SER B 189 27.62 -4.03 -21.12
CA SER B 189 28.55 -3.63 -22.17
C SER B 189 27.87 -3.67 -23.49
N ILE B 190 28.11 -2.65 -24.29
CA ILE B 190 27.78 -2.64 -25.76
C ILE B 190 29.04 -2.69 -26.66
N ASN B 191 29.97 -1.74 -26.52
CA ASN B 191 31.24 -1.68 -27.28
C ASN B 191 32.31 -2.28 -26.39
N VAL B 192 32.32 -3.61 -26.40
CA VAL B 192 33.14 -4.46 -25.53
C VAL B 192 34.63 -4.13 -25.57
N LYS B 193 35.22 -4.08 -26.77
CA LYS B 193 36.68 -3.91 -26.95
C LYS B 193 37.10 -2.55 -26.31
N LYS B 194 36.33 -1.51 -26.60
CA LYS B 194 36.60 -0.20 -25.99
C LYS B 194 36.57 -0.29 -24.46
N LEU B 195 35.51 -0.89 -23.90
CA LEU B 195 35.38 -0.97 -22.47
C LEU B 195 36.54 -1.73 -21.80
N ILE B 196 37.02 -2.76 -22.48
CA ILE B 196 38.23 -3.47 -21.97
C ILE B 196 39.49 -2.58 -22.06
N GLU B 197 39.66 -1.95 -23.21
CA GLU B 197 40.85 -1.16 -23.46
C GLU B 197 40.95 0.02 -22.50
N ILE B 198 39.83 0.57 -22.05
CA ILE B 198 39.86 1.69 -21.12
C ILE B 198 39.83 1.24 -19.66
N GLY B 199 39.73 -0.06 -19.43
CA GLY B 199 39.70 -0.63 -18.09
C GLY B 199 38.37 -0.43 -17.33
N PHE B 200 37.29 -0.29 -18.07
CA PHE B 200 35.96 -0.18 -17.46
C PHE B 200 35.59 -1.61 -17.12
N SER B 201 35.75 -2.59 -18.06
CA SER B 201 35.49 -4.03 -17.83
C SER B 201 36.82 -4.78 -17.94
N SER B 202 36.78 -6.09 -17.65
CA SER B 202 37.96 -6.99 -17.75
C SER B 202 37.72 -8.28 -18.52
N LEU B 203 38.82 -8.82 -19.02
CA LEU B 203 38.88 -10.18 -19.54
C LEU B 203 39.38 -11.20 -18.47
N ASN B 204 39.55 -12.45 -18.90
N ASN B 204 39.33 -12.48 -18.85
CA ASN B 204 39.88 -13.58 -18.05
CA ASN B 204 39.74 -13.67 -18.07
C ASN B 204 40.28 -14.73 -18.97
C ASN B 204 40.48 -14.60 -19.04
N SER B 205 41.12 -15.64 -18.51
CA SER B 205 41.66 -16.75 -19.36
C SER B 205 40.54 -17.52 -20.12
N ARG B 206 39.36 -17.63 -19.48
CA ARG B 206 38.10 -18.07 -20.12
C ARG B 206 37.54 -17.03 -21.12
N LEU B 207 37.49 -15.77 -20.67
CA LEU B 207 36.89 -14.69 -21.44
C LEU B 207 38.02 -13.96 -22.20
N THR B 208 38.44 -14.58 -23.27
CA THR B 208 39.23 -13.95 -24.31
C THR B 208 38.48 -12.79 -24.98
N MET B 209 39.26 -11.95 -25.67
CA MET B 209 38.67 -10.85 -26.39
C MET B 209 37.52 -11.27 -27.32
N SER B 210 37.75 -12.28 -28.18
CA SER B 210 36.71 -12.65 -29.12
C SER B 210 35.52 -13.26 -28.38
N ARG B 211 35.77 -14.02 -27.32
CA ARG B 211 34.55 -14.60 -26.62
C ARG B 211 33.76 -13.45 -25.94
N ALA B 212 34.46 -12.42 -25.39
CA ALA B 212 33.69 -11.31 -24.78
C ALA B 212 32.80 -10.58 -25.79
N ILE B 213 33.37 -10.32 -26.95
CA ILE B 213 32.63 -9.66 -27.99
C ILE B 213 31.44 -10.53 -28.37
N LYS B 214 31.64 -11.84 -28.41
CA LYS B 214 30.55 -12.70 -28.80
C LYS B 214 29.47 -12.73 -27.73
N LEU B 215 29.92 -12.76 -26.50
CA LEU B 215 28.97 -12.86 -25.35
C LEU B 215 28.01 -11.64 -25.39
N TYR B 216 28.51 -10.50 -25.78
CA TYR B 216 27.72 -9.24 -25.58
C TYR B 216 27.07 -8.83 -26.88
N ARG B 217 27.20 -9.65 -27.92
CA ARG B 217 26.62 -9.33 -29.21
C ARG B 217 25.09 -9.19 -29.06
N VAL B 218 24.49 -8.23 -29.77
CA VAL B 218 23.01 -8.22 -29.82
C VAL B 218 22.46 -8.21 -31.23
N GLU B 219 21.29 -8.85 -31.33
CA GLU B 219 20.50 -8.87 -32.58
C GLU B 219 19.92 -7.46 -32.83
N ASP B 220 20.18 -6.93 -34.02
CA ASP B 220 19.65 -5.63 -34.45
C ASP B 220 18.18 -5.74 -34.83
N THR B 221 17.38 -6.45 -34.04
CA THR B 221 15.90 -6.39 -34.30
C THR B 221 15.17 -6.19 -32.99
N LEU B 222 14.19 -5.30 -32.98
CA LEU B 222 13.44 -4.99 -31.79
C LEU B 222 12.43 -6.09 -31.49
N ASN B 223 12.28 -6.39 -30.19
CA ASN B 223 11.14 -7.21 -29.72
C ASN B 223 9.79 -6.59 -30.00
N ILE B 224 9.70 -5.31 -29.80
CA ILE B 224 8.46 -4.51 -30.00
C ILE B 224 8.74 -3.72 -31.26
N LYS B 225 8.22 -4.21 -32.39
CA LYS B 225 8.65 -3.73 -33.72
C LYS B 225 8.45 -2.22 -33.92
N ASN B 226 7.38 -1.65 -33.36
CA ASN B 226 6.97 -0.29 -33.72
C ASN B 226 7.49 0.73 -32.67
N MET B 227 8.40 0.33 -31.80
CA MET B 227 8.97 1.30 -30.85
CA MET B 227 9.09 1.31 -30.87
C MET B 227 9.67 2.43 -31.68
N ARG B 228 9.25 3.68 -31.41
CA ARG B 228 9.72 4.81 -32.17
C ARG B 228 9.96 6.01 -31.26
N LEU B 229 10.75 6.96 -31.77
CA LEU B 229 10.98 8.18 -30.99
C LEU B 229 9.65 8.84 -30.65
N MET B 230 9.56 9.36 -29.42
CA MET B 230 8.37 10.04 -28.96
C MET B 230 8.26 11.41 -29.66
N LYS B 231 7.02 11.87 -29.86
CA LYS B 231 6.64 13.06 -30.66
C LYS B 231 5.66 13.79 -29.77
N LYS B 232 5.49 15.06 -30.02
CA LYS B 232 4.62 15.93 -29.17
CA LYS B 232 4.65 15.92 -29.13
C LYS B 232 3.21 15.33 -28.94
N LYS B 233 2.63 14.74 -29.99
CA LYS B 233 1.21 14.19 -29.85
C LYS B 233 1.21 13.03 -28.88
N ASP B 234 2.39 12.47 -28.58
CA ASP B 234 2.42 11.39 -27.59
C ASP B 234 2.39 11.80 -26.09
N VAL B 235 2.41 13.10 -25.74
CA VAL B 235 2.64 13.55 -24.36
C VAL B 235 1.51 13.07 -23.44
N GLU B 236 0.26 13.15 -23.93
CA GLU B 236 -0.88 12.73 -23.11
C GLU B 236 -0.80 11.23 -22.79
N GLY B 237 -0.48 10.42 -23.80
CA GLY B 237 -0.45 8.99 -23.60
C GLY B 237 0.67 8.59 -22.67
N VAL B 238 1.82 9.21 -22.87
CA VAL B 238 2.99 9.00 -21.93
C VAL B 238 2.68 9.42 -20.50
N HIS B 239 2.04 10.55 -20.35
CA HIS B 239 1.65 10.99 -19.05
C HIS B 239 0.72 9.94 -18.34
N LYS B 240 -0.25 9.40 -19.09
CA LYS B 240 -1.15 8.41 -18.48
CA LYS B 240 -1.16 8.38 -18.53
C LYS B 240 -0.40 7.10 -18.17
N LEU B 241 0.40 6.64 -19.13
CA LEU B 241 1.16 5.39 -18.94
C LEU B 241 2.10 5.48 -17.71
N LEU B 242 2.93 6.51 -17.71
CA LEU B 242 3.94 6.63 -16.70
C LEU B 242 3.30 6.97 -15.36
N GLY B 243 2.32 7.90 -15.37
CA GLY B 243 1.73 8.36 -14.10
C GLY B 243 1.07 7.18 -13.36
N SER B 244 0.37 6.33 -14.12
N SER B 244 0.36 6.30 -14.08
CA SER B 244 -0.27 5.17 -13.55
CA SER B 244 -0.30 5.17 -13.42
C SER B 244 0.75 4.27 -12.91
C SER B 244 0.69 4.12 -12.96
N TYR B 245 1.77 3.95 -13.73
CA TYR B 245 2.79 2.95 -13.39
C TYR B 245 3.51 3.38 -12.09
N LEU B 246 3.80 4.68 -11.91
CA LEU B 246 4.67 5.13 -10.85
C LEU B 246 3.98 5.03 -9.47
N GLU B 247 2.63 5.06 -9.45
CA GLU B 247 1.93 5.07 -8.15
C GLU B 247 2.23 3.86 -7.26
N GLN B 248 2.72 2.78 -7.82
CA GLN B 248 2.98 1.63 -7.01
C GLN B 248 4.19 1.85 -6.04
N PHE B 249 5.08 2.79 -6.35
CA PHE B 249 6.36 2.88 -5.62
C PHE B 249 6.23 3.72 -4.35
N ASN B 250 7.23 3.61 -3.46
CA ASN B 250 7.25 4.37 -2.23
CA ASN B 250 7.30 4.30 -2.19
C ASN B 250 7.79 5.79 -2.37
N LEU B 251 8.44 6.06 -3.49
CA LEU B 251 9.09 7.35 -3.73
C LEU B 251 9.05 7.59 -5.22
N TYR B 252 8.33 8.63 -5.68
CA TYR B 252 8.34 8.92 -7.12
C TYR B 252 7.96 10.37 -7.35
N ALA B 253 8.31 10.93 -8.51
CA ALA B 253 7.88 12.34 -8.83
C ALA B 253 6.44 12.25 -9.37
N VAL B 254 5.63 13.29 -9.09
CA VAL B 254 4.25 13.35 -9.62
C VAL B 254 4.30 14.29 -10.81
N PHE B 255 4.32 13.79 -12.07
CA PHE B 255 4.59 14.62 -13.25
C PHE B 255 3.28 15.20 -13.76
N THR B 256 3.29 16.49 -14.07
CA THR B 256 2.22 17.17 -14.81
C THR B 256 2.48 16.91 -16.29
N LYS B 257 1.49 17.23 -17.12
CA LYS B 257 1.61 17.02 -18.54
CA LYS B 257 1.63 17.00 -18.54
C LYS B 257 2.78 17.86 -19.05
N GLU B 258 2.86 19.12 -18.56
CA GLU B 258 3.98 19.96 -19.07
CA GLU B 258 3.94 20.04 -18.93
C GLU B 258 5.33 19.42 -18.61
N GLU B 259 5.40 18.79 -17.44
CA GLU B 259 6.63 18.08 -17.02
C GLU B 259 6.92 16.89 -17.86
N ILE B 260 5.89 16.15 -18.23
CA ILE B 260 6.15 15.02 -19.16
C ILE B 260 6.81 15.52 -20.47
N ALA B 261 6.23 16.58 -21.03
CA ALA B 261 6.80 17.18 -22.22
C ALA B 261 8.28 17.54 -22.05
N HIS B 262 8.58 18.23 -20.94
CA HIS B 262 9.96 18.67 -20.76
C HIS B 262 10.95 17.45 -20.58
N TRP B 263 10.56 16.47 -19.79
CA TRP B 263 11.56 15.47 -19.33
C TRP B 263 11.67 14.38 -20.31
N PHE B 264 10.67 14.23 -21.19
CA PHE B 264 10.73 13.09 -22.16
C PHE B 264 10.80 13.43 -23.63
N LEU B 265 10.38 14.61 -24.09
CA LEU B 265 10.50 14.76 -25.54
C LEU B 265 11.97 14.74 -25.99
N PRO B 266 12.25 13.98 -27.05
CA PRO B 266 13.70 13.74 -27.36
C PRO B 266 14.54 14.95 -27.72
N ILE B 267 15.73 15.02 -27.14
CA ILE B 267 16.72 15.99 -27.63
C ILE B 267 18.00 15.22 -27.88
N GLU B 268 18.51 15.25 -29.13
CA GLU B 268 19.72 14.49 -29.47
C GLU B 268 20.88 14.69 -28.47
N ASN B 269 21.55 13.63 -28.09
CA ASN B 269 22.71 13.68 -27.17
C ASN B 269 22.41 14.14 -25.74
N VAL B 270 21.11 14.13 -25.42
CA VAL B 270 20.66 14.49 -24.09
C VAL B 270 19.61 13.46 -23.54
N ILE B 271 18.39 13.42 -24.14
CA ILE B 271 17.33 12.55 -23.64
C ILE B 271 16.72 11.78 -24.87
N TYR B 272 16.55 10.48 -24.67
CA TYR B 272 15.97 9.61 -25.73
C TYR B 272 14.74 8.94 -25.11
N THR B 273 13.59 9.07 -25.79
CA THR B 273 12.37 8.40 -25.30
C THR B 273 11.77 7.73 -26.52
N TYR B 274 11.39 6.45 -26.38
CA TYR B 274 10.71 5.70 -27.46
C TYR B 274 9.34 5.24 -26.93
N VAL B 275 8.35 5.20 -27.81
CA VAL B 275 7.00 4.67 -27.46
C VAL B 275 6.54 3.62 -28.50
N ASN B 276 5.63 2.79 -28.03
CA ASN B 276 4.83 1.89 -28.87
C ASN B 276 3.39 2.31 -28.81
N GLU B 277 2.88 2.81 -29.91
CA GLU B 277 1.50 3.25 -30.00
C GLU B 277 0.72 2.14 -30.74
N GLU B 278 -0.40 1.73 -30.15
CA GLU B 278 -1.21 0.64 -30.69
C GLU B 278 -2.63 1.13 -30.59
N ASN B 279 -3.28 1.32 -31.73
CA ASN B 279 -4.72 1.53 -31.72
C ASN B 279 -5.00 2.80 -30.97
N GLY B 280 -4.29 3.87 -31.33
CA GLY B 280 -4.38 5.16 -30.65
C GLY B 280 -3.69 5.37 -29.30
N LYS B 281 -3.21 4.29 -28.66
CA LYS B 281 -2.84 4.43 -27.23
C LYS B 281 -1.36 4.14 -27.04
N ILE B 282 -0.69 4.83 -26.13
CA ILE B 282 0.74 4.52 -25.85
C ILE B 282 0.73 3.39 -24.85
N LYS B 283 1.31 2.25 -25.22
CA LYS B 283 1.22 1.08 -24.40
C LYS B 283 2.54 0.66 -23.76
N ASP B 284 3.64 1.09 -24.36
CA ASP B 284 4.98 0.81 -23.78
C ASP B 284 5.86 2.06 -23.99
N MET B 285 6.89 2.19 -23.14
CA MET B 285 7.87 3.31 -23.33
C MET B 285 9.23 2.86 -22.82
N ILE B 286 10.27 3.49 -23.42
CA ILE B 286 11.69 3.30 -23.11
C ILE B 286 12.30 4.69 -22.99
N SER B 287 13.06 4.96 -21.92
CA SER B 287 13.81 6.27 -21.93
C SER B 287 15.17 6.09 -21.28
N PHE B 288 16.13 6.80 -21.85
CA PHE B 288 17.44 6.92 -21.19
C PHE B 288 18.06 8.26 -21.52
N TYR B 289 18.96 8.73 -20.65
CA TYR B 289 19.67 10.00 -20.89
C TYR B 289 21.14 9.75 -21.16
N SER B 290 21.75 10.71 -21.86
CA SER B 290 23.14 10.59 -22.21
C SER B 290 24.01 11.26 -21.15
N LEU B 291 24.95 10.50 -20.56
CA LEU B 291 25.84 11.13 -19.50
C LEU B 291 27.24 10.51 -19.76
N PRO B 292 28.04 11.18 -20.61
CA PRO B 292 29.35 10.57 -20.91
C PRO B 292 30.29 10.67 -19.69
N SER B 293 31.32 9.83 -19.63
CA SER B 293 32.40 10.08 -18.68
C SER B 293 33.63 10.52 -19.50
N GLN B 294 34.32 11.55 -19.02
CA GLN B 294 35.65 11.80 -19.57
C GLN B 294 36.60 10.74 -18.97
N ILE B 295 37.45 10.21 -19.85
CA ILE B 295 38.37 9.12 -19.46
C ILE B 295 39.70 9.83 -19.18
N LEU B 296 40.30 9.56 -18.04
CA LEU B 296 41.47 10.41 -17.62
C LEU B 296 42.73 9.61 -17.99
N GLY B 297 43.67 10.20 -18.71
CA GLY B 297 44.96 9.53 -18.90
C GLY B 297 44.96 8.30 -19.82
N ASN B 298 44.06 8.24 -20.81
CA ASN B 298 44.14 7.17 -21.86
C ASN B 298 44.48 7.81 -23.17
N ASP B 299 45.65 7.52 -23.76
CA ASP B 299 45.97 8.18 -25.07
C ASP B 299 45.03 7.86 -26.25
N LYS B 300 44.27 6.75 -26.23
CA LYS B 300 43.44 6.42 -27.40
C LYS B 300 42.04 7.00 -27.36
N TYR B 301 41.42 6.90 -26.19
CA TYR B 301 40.03 7.35 -26.06
C TYR B 301 39.95 8.44 -24.96
N SER B 302 39.19 9.48 -25.24
CA SER B 302 38.98 10.53 -24.20
C SER B 302 37.55 10.59 -23.57
N THR B 303 36.64 9.87 -24.19
CA THR B 303 35.18 9.90 -23.81
C THR B 303 34.63 8.47 -23.87
N LEU B 304 33.83 8.14 -22.87
CA LEU B 304 33.02 6.93 -22.77
C LEU B 304 31.57 7.42 -22.94
N ASN B 305 30.88 6.95 -23.98
CA ASN B 305 29.48 7.37 -24.17
C ASN B 305 28.59 6.38 -23.45
N ALA B 306 27.77 6.89 -22.53
CA ALA B 306 26.94 5.97 -21.73
C ALA B 306 25.47 6.41 -21.70
N ALA B 307 24.60 5.43 -21.85
CA ALA B 307 23.14 5.60 -21.75
C ALA B 307 22.74 5.19 -20.34
N TYR B 308 21.98 6.07 -19.67
CA TYR B 308 21.48 5.85 -18.31
C TYR B 308 19.98 5.58 -18.38
N SER B 309 19.60 4.36 -18.02
CA SER B 309 18.21 3.99 -17.89
C SER B 309 17.45 4.96 -17.01
N PHE B 310 16.30 5.46 -17.53
CA PHE B 310 15.55 6.53 -16.89
C PHE B 310 14.21 5.93 -16.46
N TYR B 311 13.18 6.04 -17.32
CA TYR B 311 11.86 5.37 -17.01
C TYR B 311 11.39 4.43 -18.20
N ASN B 312 11.03 3.18 -17.83
CA ASN B 312 10.65 2.14 -18.78
C ASN B 312 9.40 1.44 -18.27
N VAL B 313 8.42 1.35 -19.14
CA VAL B 313 7.13 0.72 -18.77
C VAL B 313 6.71 -0.17 -19.91
N THR B 314 6.29 -1.42 -19.62
CA THR B 314 5.68 -2.25 -20.65
C THR B 314 4.34 -2.80 -20.25
N THR B 315 3.39 -2.72 -21.16
CA THR B 315 2.10 -3.44 -21.01
C THR B 315 1.87 -4.49 -22.16
N THR B 316 2.70 -4.56 -23.20
CA THR B 316 2.52 -5.59 -24.31
C THR B 316 3.59 -6.62 -24.41
N ALA B 317 4.62 -6.51 -23.57
CA ALA B 317 5.83 -7.36 -23.63
C ALA B 317 6.25 -7.76 -22.22
N THR B 318 7.24 -8.63 -22.09
CA THR B 318 7.80 -8.77 -20.74
C THR B 318 8.81 -7.60 -20.39
N PHE B 319 9.06 -7.37 -19.10
CA PHE B 319 10.01 -6.31 -18.72
C PHE B 319 11.39 -6.64 -19.31
N LYS B 320 11.77 -7.93 -19.32
CA LYS B 320 13.01 -8.35 -19.94
CA LYS B 320 13.01 -8.36 -19.93
C LYS B 320 13.05 -8.03 -21.42
N GLN B 321 11.98 -8.33 -22.21
CA GLN B 321 12.01 -7.96 -23.64
C GLN B 321 12.13 -6.46 -23.79
N LEU B 322 11.41 -5.71 -22.94
CA LEU B 322 11.49 -4.22 -22.99
C LEU B 322 12.92 -3.74 -22.80
N MET B 323 13.55 -4.16 -21.69
CA MET B 323 14.94 -3.70 -21.42
C MET B 323 15.95 -4.21 -22.51
N GLN B 324 15.68 -5.36 -23.17
CA GLN B 324 16.54 -5.78 -24.27
C GLN B 324 16.41 -4.77 -25.44
N ASP B 325 15.19 -4.32 -25.71
CA ASP B 325 15.04 -3.28 -26.67
C ASP B 325 15.68 -1.97 -26.28
N ALA B 326 15.69 -1.67 -24.99
CA ALA B 326 16.29 -0.41 -24.49
C ALA B 326 17.83 -0.46 -24.83
N ILE B 327 18.42 -1.62 -24.54
CA ILE B 327 19.86 -1.84 -24.85
C ILE B 327 20.12 -1.67 -26.39
N LEU B 328 19.27 -2.25 -27.26
CA LEU B 328 19.48 -2.18 -28.66
C LEU B 328 19.31 -0.72 -29.12
N LEU B 329 18.29 -0.01 -28.59
CA LEU B 329 18.13 1.40 -28.96
C LEU B 329 19.35 2.26 -28.53
N ALA B 330 19.87 1.97 -27.32
CA ALA B 330 21.15 2.57 -26.95
C ALA B 330 22.31 2.23 -27.91
N LYS B 331 22.46 0.98 -28.30
CA LYS B 331 23.49 0.61 -29.32
C LYS B 331 23.30 1.39 -30.60
N ARG B 332 22.05 1.47 -31.10
CA ARG B 332 21.72 2.16 -32.36
C ARG B 332 22.06 3.67 -32.32
N ASN B 333 22.13 4.22 -31.11
CA ASN B 333 22.46 5.60 -30.92
C ASN B 333 23.92 5.78 -30.45
N ASN B 334 24.79 4.78 -30.71
CA ASN B 334 26.27 4.90 -30.61
C ASN B 334 26.70 5.04 -29.15
N PHE B 335 25.94 4.46 -28.20
CA PHE B 335 26.43 4.37 -26.80
C PHE B 335 27.34 3.18 -26.64
N ASP B 336 28.30 3.30 -25.71
CA ASP B 336 29.33 2.26 -25.55
C ASP B 336 28.87 1.30 -24.45
N VAL B 337 27.97 1.77 -23.56
CA VAL B 337 27.56 0.98 -22.36
C VAL B 337 26.14 1.47 -21.94
N PHE B 338 25.39 0.63 -21.20
CA PHE B 338 24.00 0.99 -20.81
C PHE B 338 24.02 0.74 -19.32
N ASN B 339 23.78 1.83 -18.57
CA ASN B 339 23.90 1.81 -17.11
C ASN B 339 22.50 1.82 -16.48
N ALA B 340 22.28 1.05 -15.41
CA ALA B 340 20.97 1.10 -14.78
C ALA B 340 21.15 0.89 -13.25
N LEU B 341 20.36 1.58 -12.41
CA LEU B 341 20.25 1.32 -10.96
C LEU B 341 19.23 0.17 -10.67
N GLU B 342 19.40 -0.51 -9.53
CA GLU B 342 18.47 -1.56 -9.10
C GLU B 342 17.20 -0.97 -8.45
N VAL B 343 16.57 -0.03 -9.17
CA VAL B 343 15.31 0.61 -8.77
C VAL B 343 14.16 0.04 -9.60
N MET B 344 12.91 0.26 -9.17
CA MET B 344 11.73 -0.21 -9.93
C MET B 344 11.91 -1.70 -10.17
N GLN B 345 11.58 -2.22 -11.36
CA GLN B 345 11.69 -3.65 -11.71
CA GLN B 345 11.73 -3.67 -11.59
C GLN B 345 13.06 -4.04 -12.23
N ASN B 346 14.05 -3.14 -12.18
CA ASN B 346 15.26 -3.39 -12.95
C ASN B 346 16.13 -4.59 -12.52
N LYS B 347 16.29 -4.82 -11.22
CA LYS B 347 17.19 -5.89 -10.75
C LYS B 347 16.75 -7.25 -11.41
N SER B 348 15.46 -7.43 -11.62
CA SER B 348 14.93 -8.74 -12.11
C SER B 348 15.48 -9.13 -13.51
N VAL B 349 15.99 -8.17 -14.30
CA VAL B 349 16.43 -8.44 -15.66
C VAL B 349 17.96 -8.44 -15.78
N PHE B 350 18.66 -8.13 -14.70
CA PHE B 350 20.11 -7.88 -14.83
C PHE B 350 20.86 -9.17 -15.19
N GLU B 351 20.53 -10.30 -14.57
CA GLU B 351 21.32 -11.50 -14.84
CA GLU B 351 21.33 -11.49 -14.83
C GLU B 351 21.11 -11.98 -16.27
N ASP B 352 19.83 -12.14 -16.69
CA ASP B 352 19.50 -12.61 -18.03
C ASP B 352 20.02 -11.68 -19.13
N LEU B 353 20.01 -10.35 -18.89
CA LEU B 353 20.47 -9.42 -19.96
C LEU B 353 22.02 -9.09 -19.84
N LYS B 354 22.73 -9.89 -19.04
CA LYS B 354 24.19 -9.81 -19.02
C LYS B 354 24.75 -8.51 -18.46
N PHE B 355 24.02 -7.90 -17.54
CA PHE B 355 24.55 -6.76 -16.78
C PHE B 355 25.57 -7.23 -15.75
N GLY B 356 26.62 -6.44 -15.55
CA GLY B 356 27.64 -6.69 -14.50
C GLY B 356 27.41 -5.70 -13.32
N GLU B 357 27.55 -6.20 -12.11
CA GLU B 357 27.50 -5.35 -10.92
C GLU B 357 28.65 -4.35 -10.96
N GLY B 358 28.33 -3.11 -10.71
CA GLY B 358 29.31 -2.02 -10.63
C GLY B 358 30.05 -2.08 -9.26
N ASP B 359 30.69 -0.95 -8.98
CA ASP B 359 31.55 -0.82 -7.76
C ASP B 359 31.04 0.04 -6.60
N GLY B 360 29.79 0.41 -6.63
CA GLY B 360 29.32 1.20 -5.51
C GLY B 360 27.86 1.52 -5.71
N SER B 361 27.35 2.42 -4.90
CA SER B 361 25.90 2.58 -4.88
C SER B 361 25.48 4.02 -4.87
N LEU B 362 24.21 4.29 -5.26
CA LEU B 362 23.70 5.68 -5.16
C LEU B 362 22.69 5.74 -4.06
N LYS B 363 22.99 6.59 -3.05
CA LYS B 363 22.08 6.73 -1.90
C LYS B 363 21.02 7.83 -2.18
N TYR B 364 19.78 7.55 -1.77
CA TYR B 364 18.71 8.58 -1.94
C TYR B 364 18.42 9.21 -0.57
N TYR B 365 18.26 10.52 -0.56
CA TYR B 365 18.08 11.25 0.67
C TYR B 365 16.92 12.17 0.53
N LEU B 366 16.25 12.39 1.66
CA LEU B 366 15.30 13.48 1.83
C LEU B 366 15.78 14.48 2.93
N TYR B 367 15.53 15.77 2.74
CA TYR B 367 15.84 16.84 3.73
C TYR B 367 14.54 17.28 4.40
N ASN B 368 14.60 17.29 5.73
CA ASN B 368 13.47 17.67 6.60
C ASN B 368 12.25 16.74 6.44
N TRP B 369 12.57 15.45 6.46
CA TRP B 369 11.55 14.38 6.27
C TRP B 369 11.93 13.11 6.98
N LYS B 370 11.00 12.62 7.83
CA LYS B 370 11.23 11.44 8.68
C LYS B 370 10.32 10.36 8.18
N CYS B 371 10.84 9.13 7.92
CA CYS B 371 10.05 8.05 7.36
C CYS B 371 10.84 6.80 7.38
N ALA B 372 10.18 5.67 7.24
CA ALA B 372 10.92 4.40 7.15
C ALA B 372 11.77 4.34 5.86
N SER B 373 12.93 3.72 5.99
CA SER B 373 13.74 3.45 4.76
C SER B 373 13.16 2.20 4.06
N PHE B 374 13.60 1.93 2.83
CA PHE B 374 13.04 0.84 2.06
C PHE B 374 14.04 0.35 0.98
N ALA B 375 13.85 -0.88 0.55
CA ALA B 375 14.66 -1.54 -0.56
C ALA B 375 14.50 -0.75 -1.84
N PRO B 376 15.55 -0.72 -2.66
CA PRO B 376 15.50 0.16 -3.84
C PRO B 376 14.50 -0.30 -4.90
N ALA B 377 14.01 -1.55 -4.86
CA ALA B 377 12.90 -1.90 -5.72
C ALA B 377 11.65 -1.05 -5.44
N HIS B 378 11.57 -0.39 -4.28
CA HIS B 378 10.44 0.42 -4.00
C HIS B 378 10.72 1.89 -4.41
N VAL B 379 11.95 2.19 -4.88
CA VAL B 379 12.20 3.57 -5.43
C VAL B 379 11.72 3.70 -6.85
N GLY B 380 10.94 4.75 -7.14
CA GLY B 380 10.39 4.99 -8.45
C GLY B 380 10.79 6.32 -9.04
N ILE B 381 11.98 6.76 -8.71
CA ILE B 381 12.52 8.08 -9.20
C ILE B 381 13.99 7.95 -9.52
N VAL B 382 14.35 8.49 -10.67
CA VAL B 382 15.74 8.41 -11.13
C VAL B 382 16.17 9.86 -11.38
N LEU B 383 17.18 10.32 -10.63
CA LEU B 383 17.66 11.71 -10.77
C LEU B 383 18.68 11.75 -11.92
N LEU B 384 19.13 12.97 -12.22
CA LEU B 384 20.12 13.23 -13.31
C LEU B 384 21.57 13.21 -12.84
N ASP C 1 -34.54 -10.44 2.82
CA ASP C 1 -34.34 -10.67 1.35
C ASP C 1 -33.74 -9.50 0.47
N TYR C 2 -34.29 -8.31 0.60
CA TYR C 2 -33.77 -7.07 -0.07
C TYR C 2 -33.69 -7.19 -1.59
N LYS C 3 -34.86 -7.51 -2.18
CA LYS C 3 -34.96 -7.75 -3.65
C LYS C 3 -34.62 -6.47 -4.42
N PHE C 4 -34.96 -5.28 -3.88
CA PHE C 4 -34.48 -4.03 -4.54
C PHE C 4 -33.01 -3.74 -4.25
N TRP C 5 -32.70 -3.68 -2.94
CA TRP C 5 -31.34 -3.35 -2.54
C TRP C 5 -30.23 -4.22 -3.21
N TYR C 6 -30.50 -5.51 -3.38
CA TYR C 6 -29.61 -6.52 -4.04
CA TYR C 6 -29.41 -6.35 -3.89
C TYR C 6 -29.16 -6.09 -5.44
N THR C 7 -29.99 -5.29 -6.09
CA THR C 7 -29.70 -4.86 -7.44
C THR C 7 -28.84 -3.61 -7.46
N GLN C 8 -28.59 -3.06 -6.29
CA GLN C 8 -27.83 -1.77 -6.18
C GLN C 8 -26.36 -1.96 -5.80
N PRO C 9 -25.53 -0.99 -6.17
CA PRO C 9 -24.10 -1.04 -5.77
C PRO C 9 -23.90 -0.65 -4.25
N VAL C 10 -24.31 -1.56 -3.36
CA VAL C 10 -24.15 -1.51 -1.92
C VAL C 10 -23.67 -2.88 -1.46
N PRO C 11 -23.11 -2.97 -0.24
CA PRO C 11 -22.66 -4.30 0.24
C PRO C 11 -23.84 -5.26 0.45
N LYS C 12 -23.63 -6.56 0.35
CA LYS C 12 -24.64 -7.51 0.81
C LYS C 12 -24.65 -7.57 2.33
N ILE C 13 -25.72 -8.15 2.92
CA ILE C 13 -26.01 -8.06 4.32
C ILE C 13 -24.91 -8.61 5.25
N ASN C 14 -24.11 -9.53 4.72
CA ASN C 14 -23.05 -10.18 5.49
C ASN C 14 -21.63 -9.74 5.16
N ASP C 15 -21.49 -8.85 4.16
CA ASP C 15 -20.16 -8.44 3.72
C ASP C 15 -19.40 -7.75 4.82
N GLU C 16 -18.11 -8.04 4.85
CA GLU C 16 -17.22 -7.27 5.72
C GLU C 16 -15.97 -6.92 4.94
N PHE C 17 -15.32 -5.81 5.24
CA PHE C 17 -14.21 -5.43 4.40
C PHE C 17 -12.99 -5.15 5.26
N ASN C 18 -11.84 -5.36 4.64
CA ASN C 18 -10.56 -5.10 5.26
C ASN C 18 -10.41 -3.63 5.50
N GLU C 19 -9.64 -3.27 6.53
CA GLU C 19 -9.22 -1.87 6.84
C GLU C 19 -8.84 -1.06 5.59
N SER C 20 -8.14 -1.71 4.66
CA SER C 20 -7.57 -1.03 3.54
C SER C 20 -8.51 -0.80 2.33
N VAL C 21 -9.63 -1.53 2.24
CA VAL C 21 -10.59 -1.37 1.11
C VAL C 21 -11.28 0.00 1.25
N ASN C 22 -11.23 0.82 0.19
CA ASN C 22 -11.86 2.18 0.23
C ASN C 22 -12.06 2.71 -1.16
N GLU C 23 -13.14 2.30 -1.83
CA GLU C 23 -13.28 2.50 -3.30
C GLU C 23 -14.74 2.27 -3.69
N PRO C 24 -15.15 2.76 -4.88
CA PRO C 24 -16.49 2.50 -5.36
C PRO C 24 -16.79 0.99 -5.60
N PHE C 25 -18.04 0.58 -5.51
CA PHE C 25 -18.41 -0.69 -6.10
C PHE C 25 -18.29 -0.69 -7.63
N ILE C 26 -18.72 0.40 -8.28
CA ILE C 26 -18.68 0.56 -9.76
C ILE C 26 -17.99 1.90 -10.10
N SER C 27 -16.84 1.83 -10.78
CA SER C 27 -16.02 2.96 -11.27
C SER C 27 -16.23 3.20 -12.74
N ASP C 28 -15.65 4.26 -13.28
CA ASP C 28 -15.68 4.51 -14.75
C ASP C 28 -17.09 4.76 -15.28
N ASN C 29 -17.90 5.41 -14.45
CA ASN C 29 -19.26 5.77 -14.79
C ASN C 29 -19.23 6.91 -15.81
N LYS C 30 -20.23 6.97 -16.70
CA LYS C 30 -20.28 8.03 -17.74
C LYS C 30 -21.61 8.79 -17.76
N VAL C 31 -21.56 10.12 -17.56
CA VAL C 31 -22.79 10.93 -17.63
C VAL C 31 -23.53 10.68 -18.96
N GLU C 32 -22.82 10.52 -20.08
CA GLU C 32 -23.44 10.40 -21.41
CA GLU C 32 -23.52 10.45 -21.36
C GLU C 32 -24.34 9.18 -21.46
N ASP C 33 -24.06 8.18 -20.61
CA ASP C 33 -24.79 6.92 -20.67
C ASP C 33 -26.01 6.87 -19.76
N VAL C 34 -26.13 7.87 -18.87
CA VAL C 34 -27.24 7.93 -17.90
C VAL C 34 -28.56 7.96 -18.62
N ARG C 35 -29.52 7.23 -18.07
CA ARG C 35 -30.90 7.32 -18.54
C ARG C 35 -31.42 8.80 -18.61
N LYS C 36 -31.98 9.19 -19.76
CA LYS C 36 -32.47 10.55 -19.86
C LYS C 36 -33.97 10.63 -19.52
N ASP C 37 -34.64 9.49 -19.46
CA ASP C 37 -36.11 9.43 -19.18
C ASP C 37 -36.40 9.27 -17.67
N GLU C 38 -37.33 10.08 -17.14
CA GLU C 38 -37.88 9.81 -15.80
C GLU C 38 -38.44 8.36 -15.66
N TYR C 39 -38.17 7.77 -14.51
CA TYR C 39 -38.71 6.48 -14.15
C TYR C 39 -40.22 6.52 -14.18
N LYS C 40 -40.79 5.36 -14.53
CA LYS C 40 -42.26 5.31 -14.64
C LYS C 40 -42.99 5.22 -13.32
N LEU C 41 -44.08 6.00 -13.16
CA LEU C 41 -44.98 5.89 -12.02
C LEU C 41 -46.28 5.22 -12.41
N PRO C 42 -47.07 4.75 -11.41
CA PRO C 42 -48.32 4.14 -11.77
C PRO C 42 -49.31 5.13 -12.37
N PRO C 43 -50.39 4.62 -13.02
CA PRO C 43 -51.34 5.54 -13.68
C PRO C 43 -51.94 6.54 -12.71
N GLY C 44 -51.96 7.78 -13.17
CA GLY C 44 -52.47 8.94 -12.40
C GLY C 44 -51.54 9.49 -11.35
N TYR C 45 -50.29 9.06 -11.36
CA TYR C 45 -49.27 9.70 -10.54
C TYR C 45 -48.24 10.43 -11.39
N SER C 46 -47.79 11.59 -10.94
CA SER C 46 -46.91 12.42 -11.74
C SER C 46 -45.70 12.97 -10.96
N TRP C 47 -44.55 13.08 -11.63
CA TRP C 47 -43.35 13.71 -11.02
C TRP C 47 -43.70 15.20 -10.92
N TYR C 48 -43.12 15.86 -9.89
CA TYR C 48 -43.35 17.28 -9.71
C TYR C 48 -42.09 17.97 -9.33
N VAL C 49 -41.84 19.18 -9.92
CA VAL C 49 -40.62 19.97 -9.58
C VAL C 49 -40.99 20.81 -8.38
N CYS C 50 -40.48 20.43 -7.22
CA CYS C 50 -40.76 21.23 -5.97
C CYS C 50 -39.82 22.41 -5.91
N ASP C 51 -40.33 23.64 -5.85
CA ASP C 51 -39.46 24.80 -5.72
C ASP C 51 -39.51 25.18 -4.26
N VAL C 52 -38.48 24.80 -3.51
CA VAL C 52 -38.51 24.93 -2.03
C VAL C 52 -38.46 26.42 -1.60
N LYS C 53 -37.94 27.30 -2.47
CA LYS C 53 -38.02 28.78 -2.15
C LYS C 53 -39.42 29.33 -2.40
N ASP C 54 -40.27 28.62 -3.14
CA ASP C 54 -41.64 29.05 -3.27
C ASP C 54 -42.48 28.64 -2.06
N GLU C 55 -43.13 29.63 -1.48
CA GLU C 55 -43.82 29.41 -0.19
C GLU C 55 -44.93 28.33 -0.32
N LYS C 56 -45.63 28.32 -1.45
CA LYS C 56 -46.71 27.33 -1.62
C LYS C 56 -46.21 25.87 -1.81
N ASP C 57 -45.20 25.70 -2.64
CA ASP C 57 -44.55 24.36 -2.78
C ASP C 57 -43.93 23.92 -1.45
N ARG C 58 -43.27 24.88 -0.76
CA ARG C 58 -42.67 24.56 0.53
C ARG C 58 -43.69 24.07 1.59
N SER C 59 -44.82 24.77 1.68
CA SER C 59 -45.95 24.38 2.51
CA SER C 59 -45.94 24.37 2.50
C SER C 59 -46.54 22.97 2.21
N GLU C 60 -46.54 22.55 0.96
CA GLU C 60 -47.06 21.23 0.53
C GLU C 60 -46.11 20.11 0.99
N ILE C 61 -44.81 20.35 0.87
CA ILE C 61 -43.82 19.39 1.38
C ILE C 61 -43.99 19.33 2.92
N TYR C 62 -44.10 20.51 3.56
CA TYR C 62 -44.35 20.56 5.04
C TYR C 62 -45.53 19.68 5.46
N THR C 63 -46.66 19.83 4.76
CA THR C 63 -47.87 19.07 5.20
C THR C 63 -47.70 17.55 4.93
N LEU C 64 -47.12 17.21 3.77
CA LEU C 64 -46.79 15.77 3.46
C LEU C 64 -45.98 15.13 4.60
N LEU C 65 -44.89 15.80 5.02
CA LEU C 65 -44.02 15.25 6.12
C LEU C 65 -44.72 15.28 7.50
N THR C 66 -45.44 16.38 7.81
CA THR C 66 -46.11 16.49 9.09
C THR C 66 -47.05 15.32 9.24
N ASP C 67 -47.69 14.90 8.13
CA ASP C 67 -48.72 13.85 8.26
C ASP C 67 -48.15 12.44 8.12
N ASN C 68 -47.06 12.29 7.39
CA ASN C 68 -46.62 10.94 6.90
C ASN C 68 -45.17 10.60 7.18
N TYR C 69 -44.41 11.45 7.91
CA TYR C 69 -42.94 11.18 8.03
C TYR C 69 -42.62 10.19 9.19
N VAL C 70 -41.39 10.20 9.68
CA VAL C 70 -40.92 9.11 10.60
C VAL C 70 -41.56 9.16 11.97
N GLU C 71 -41.98 7.98 12.45
CA GLU C 71 -42.51 7.84 13.83
C GLU C 71 -41.55 7.00 14.65
N ASP C 72 -41.51 7.20 15.95
CA ASP C 72 -40.62 6.34 16.77
C ASP C 72 -41.22 4.93 16.77
N ASP C 73 -40.46 3.94 17.27
CA ASP C 73 -40.95 2.53 17.22
C ASP C 73 -42.32 2.30 17.85
N ASP C 74 -42.68 3.05 18.89
CA ASP C 74 -44.01 2.88 19.47
C ASP C 74 -45.08 3.79 18.99
N ASN C 75 -44.83 4.57 17.92
CA ASN C 75 -45.85 5.44 17.37
C ASN C 75 -46.40 6.44 18.39
N ILE C 76 -45.53 6.94 19.26
CA ILE C 76 -45.91 8.00 20.24
C ILE C 76 -45.71 9.40 19.59
N PHE C 77 -44.68 9.48 18.80
CA PHE C 77 -44.20 10.75 18.22
C PHE C 77 -43.99 10.64 16.70
N ARG C 78 -44.19 11.76 16.00
CA ARG C 78 -43.78 11.82 14.58
C ARG C 78 -42.93 13.10 14.38
N PHE C 79 -41.79 13.02 13.69
CA PHE C 79 -41.07 14.23 13.40
C PHE C 79 -41.99 15.28 12.76
N ASN C 80 -41.74 16.56 13.10
CA ASN C 80 -42.51 17.61 12.57
C ASN C 80 -41.54 18.79 12.24
N TYR C 81 -40.75 18.55 11.23
CA TYR C 81 -39.84 19.52 10.64
C TYR C 81 -40.66 20.74 10.20
N SER C 82 -40.21 21.97 10.63
CA SER C 82 -40.94 23.18 10.24
C SER C 82 -40.70 23.53 8.77
N ALA C 83 -41.55 24.39 8.19
CA ALA C 83 -41.30 24.89 6.81
C ALA C 83 -39.98 25.65 6.74
N GLU C 84 -39.63 26.42 7.78
CA GLU C 84 -38.40 27.22 7.73
C GLU C 84 -37.17 26.29 7.86
N PHE C 85 -37.32 25.18 8.60
CA PHE C 85 -36.28 24.17 8.66
C PHE C 85 -36.07 23.57 7.31
N LEU C 86 -37.15 23.22 6.62
CA LEU C 86 -36.99 22.58 5.25
C LEU C 86 -36.27 23.58 4.31
N LEU C 87 -36.55 24.88 4.41
CA LEU C 87 -35.89 25.83 3.53
C LEU C 87 -34.38 25.82 3.74
N TRP C 88 -33.98 25.78 5.03
CA TRP C 88 -32.57 25.72 5.39
C TRP C 88 -31.91 24.42 5.00
N ALA C 89 -32.65 23.31 5.23
CA ALA C 89 -32.05 21.96 4.96
C ALA C 89 -31.78 21.71 3.46
N LEU C 90 -32.56 22.38 2.60
CA LEU C 90 -32.61 22.07 1.16
C LEU C 90 -31.90 23.07 0.25
N THR C 91 -31.56 24.27 0.79
CA THR C 91 -31.04 25.32 -0.10
C THR C 91 -29.64 25.75 0.31
N SER C 92 -28.83 24.76 0.71
CA SER C 92 -27.42 24.93 0.99
C SER C 92 -26.62 25.26 -0.27
N PRO C 93 -25.36 25.60 -0.09
CA PRO C 93 -24.65 26.15 -1.26
C PRO C 93 -24.56 25.14 -2.39
N ASN C 94 -24.77 25.66 -3.57
CA ASN C 94 -24.75 24.95 -4.81
C ASN C 94 -25.82 23.84 -4.97
N TYR C 95 -26.87 23.92 -4.17
CA TYR C 95 -27.91 22.94 -4.26
C TYR C 95 -28.49 22.85 -5.67
N LEU C 96 -29.05 21.70 -6.01
CA LEU C 96 -29.64 21.56 -7.34
C LEU C 96 -31.13 21.53 -7.14
N LYS C 97 -31.85 22.33 -7.93
CA LYS C 97 -33.27 22.26 -7.93
C LYS C 97 -33.89 20.93 -8.42
N THR C 98 -33.13 20.22 -9.24
CA THR C 98 -33.61 18.98 -9.87
C THR C 98 -33.63 17.82 -8.80
N TRP C 99 -32.96 18.03 -7.68
CA TRP C 99 -32.86 17.02 -6.60
C TRP C 99 -33.88 17.27 -5.46
N HIS C 100 -34.86 18.12 -5.70
CA HIS C 100 -36.03 18.26 -4.85
C HIS C 100 -37.27 17.70 -5.53
N ILE C 101 -37.55 16.42 -5.22
CA ILE C 101 -38.46 15.61 -6.09
C ILE C 101 -39.78 15.32 -5.44
N GLY C 102 -40.87 15.81 -6.02
CA GLY C 102 -42.23 15.49 -5.47
C GLY C 102 -42.93 14.45 -6.41
N VAL C 103 -43.89 13.68 -5.90
CA VAL C 103 -44.80 12.89 -6.73
C VAL C 103 -46.20 13.34 -6.35
N LYS C 104 -46.99 13.67 -7.37
CA LYS C 104 -48.35 14.10 -7.12
C LYS C 104 -49.33 13.07 -7.52
N TYR C 105 -50.50 13.06 -6.85
CA TYR C 105 -51.65 12.27 -7.33
C TYR C 105 -52.51 13.16 -8.21
N ASP C 106 -52.68 12.80 -9.48
CA ASP C 106 -53.23 13.82 -10.42
C ASP C 106 -54.72 14.10 -10.07
N ALA C 107 -55.37 13.16 -9.41
CA ALA C 107 -56.81 13.37 -9.09
C ALA C 107 -57.02 14.51 -8.16
N SER C 108 -56.03 14.79 -7.25
CA SER C 108 -56.15 15.84 -6.20
C SER C 108 -55.12 16.95 -6.43
N ASN C 109 -54.13 16.63 -7.24
CA ASN C 109 -53.00 17.51 -7.41
C ASN C 109 -52.35 17.83 -6.03
N LYS C 110 -52.38 16.86 -5.12
CA LYS C 110 -51.63 16.91 -3.85
C LYS C 110 -50.39 15.99 -3.89
N LEU C 111 -49.40 16.37 -3.09
CA LEU C 111 -48.16 15.55 -2.97
C LEU C 111 -48.45 14.26 -2.17
N ILE C 112 -47.95 13.12 -2.65
CA ILE C 112 -48.14 11.88 -1.97
C ILE C 112 -46.75 11.31 -1.77
N GLY C 113 -45.71 11.91 -2.39
CA GLY C 113 -44.37 11.40 -2.12
C GLY C 113 -43.34 12.48 -2.32
N PHE C 114 -42.15 12.26 -1.76
CA PHE C 114 -41.07 13.24 -1.83
C PHE C 114 -39.74 12.54 -1.54
N ILE C 115 -38.68 13.04 -2.18
CA ILE C 115 -37.33 12.60 -1.76
C ILE C 115 -36.42 13.79 -2.04
N SER C 116 -35.32 13.98 -1.34
CA SER C 116 -34.42 15.11 -1.68
C SER C 116 -32.95 14.74 -1.54
N ALA C 117 -32.07 15.60 -2.08
CA ALA C 117 -30.66 15.46 -1.82
C ALA C 117 -30.03 16.80 -1.93
N ILE C 118 -28.87 16.97 -1.26
CA ILE C 118 -28.06 18.18 -1.48
C ILE C 118 -26.62 17.74 -1.71
N PRO C 119 -25.85 18.55 -2.35
CA PRO C 119 -24.49 18.11 -2.61
C PRO C 119 -23.54 18.44 -1.46
N THR C 120 -22.59 17.54 -1.18
CA THR C 120 -21.60 17.78 -0.14
CA THR C 120 -21.57 17.81 -0.16
C THR C 120 -20.34 16.96 -0.43
N ASP C 121 -19.19 17.48 -0.05
CA ASP C 121 -17.90 16.77 -0.11
C ASP C 121 -17.81 15.96 1.17
N ILE C 122 -17.65 14.64 1.01
CA ILE C 122 -17.60 13.71 2.16
C ILE C 122 -16.20 13.08 2.12
N CYS C 123 -15.52 13.13 3.27
CA CYS C 123 -14.25 12.41 3.49
C CYS C 123 -14.54 11.09 4.15
N ILE C 124 -14.20 9.99 3.47
CA ILE C 124 -14.45 8.65 4.02
C ILE C 124 -13.08 7.93 4.04
N HIS C 125 -12.65 7.55 5.25
CA HIS C 125 -11.31 6.94 5.43
CA HIS C 125 -11.33 6.94 5.45
C HIS C 125 -10.23 7.77 4.71
N LYS C 126 -10.27 9.09 4.88
CA LYS C 126 -9.25 10.00 4.34
C LYS C 126 -9.31 10.30 2.86
N ARG C 127 -10.31 9.73 2.14
CA ARG C 127 -10.58 10.09 0.73
C ARG C 127 -11.77 11.01 0.64
N THR C 128 -11.58 12.17 0.02
CA THR C 128 -12.69 13.12 -0.20
C THR C 128 -13.40 12.90 -1.55
N ILE C 129 -14.71 12.73 -1.51
CA ILE C 129 -15.47 12.30 -2.68
C ILE C 129 -16.69 13.27 -2.79
N LYS C 130 -17.04 13.74 -4.00
CA LYS C 130 -18.29 14.55 -4.09
C LYS C 130 -19.49 13.59 -3.96
N MET C 131 -20.45 13.88 -3.04
CA MET C 131 -21.54 12.97 -2.79
C MET C 131 -22.83 13.72 -2.82
N ALA C 132 -23.91 12.97 -3.02
CA ALA C 132 -25.25 13.51 -2.60
C ALA C 132 -25.66 13.10 -1.18
N GLU C 133 -26.24 14.01 -0.37
CA GLU C 133 -26.77 13.68 0.92
C GLU C 133 -28.28 13.59 0.88
N VAL C 134 -28.78 12.36 1.04
CA VAL C 134 -30.20 12.07 0.68
C VAL C 134 -31.03 12.12 1.97
N ASN C 135 -32.18 12.77 1.94
CA ASN C 135 -32.99 12.93 3.16
C ASN C 135 -34.46 13.13 2.76
N PHE C 136 -35.33 13.02 3.73
CA PHE C 136 -36.76 13.31 3.51
C PHE C 136 -37.52 12.39 2.56
N LEU C 137 -37.03 11.15 2.39
CA LEU C 137 -37.83 10.18 1.62
C LEU C 137 -39.18 9.92 2.32
N CYS C 138 -40.33 10.04 1.60
CA CYS C 138 -41.57 9.92 2.30
C CYS C 138 -42.62 9.50 1.32
N VAL C 139 -43.39 8.44 1.65
CA VAL C 139 -44.57 8.09 0.85
C VAL C 139 -45.79 8.17 1.75
N HIS C 140 -46.91 8.67 1.20
CA HIS C 140 -48.13 8.89 2.00
C HIS C 140 -48.51 7.54 2.66
N LYS C 141 -49.05 7.64 3.90
CA LYS C 141 -49.53 6.48 4.71
C LYS C 141 -50.42 5.51 3.98
N THR C 142 -51.26 6.04 3.08
CA THR C 142 -52.23 5.24 2.38
C THR C 142 -51.63 4.51 1.15
N LEU C 143 -50.35 4.73 0.80
CA LEU C 143 -49.73 4.18 -0.40
C LEU C 143 -48.52 3.35 -0.06
N ARG C 144 -48.46 2.88 1.22
CA ARG C 144 -47.31 2.05 1.65
C ARG C 144 -47.28 0.60 1.04
N SER C 145 -46.08 0.02 1.00
CA SER C 145 -45.81 -1.34 0.58
C SER C 145 -46.31 -1.53 -0.84
N LYS C 146 -46.28 -0.46 -1.67
CA LYS C 146 -46.60 -0.62 -3.12
C LYS C 146 -45.34 -0.45 -4.04
N ARG C 147 -44.14 -0.58 -3.46
CA ARG C 147 -42.87 -0.45 -4.26
C ARG C 147 -42.72 0.96 -4.85
N LEU C 148 -43.32 2.00 -4.22
CA LEU C 148 -43.05 3.38 -4.69
C LEU C 148 -41.70 3.90 -4.24
N ALA C 149 -41.20 3.42 -3.09
CA ALA C 149 -39.93 4.02 -2.59
C ALA C 149 -38.72 3.70 -3.52
N PRO C 150 -38.61 2.47 -4.07
CA PRO C 150 -37.57 2.23 -5.12
C PRO C 150 -37.67 3.13 -6.34
N VAL C 151 -38.88 3.56 -6.69
CA VAL C 151 -39.02 4.42 -7.87
C VAL C 151 -38.40 5.79 -7.52
N LEU C 152 -38.74 6.33 -6.33
CA LEU C 152 -38.12 7.59 -5.89
C LEU C 152 -36.58 7.49 -5.79
N ILE C 153 -36.08 6.37 -5.28
CA ILE C 153 -34.66 6.22 -5.14
C ILE C 153 -33.97 6.13 -6.48
N LYS C 154 -34.53 5.38 -7.42
CA LYS C 154 -33.92 5.23 -8.73
C LYS C 154 -33.95 6.55 -9.52
N GLU C 155 -35.05 7.31 -9.35
CA GLU C 155 -35.17 8.63 -10.00
C GLU C 155 -34.17 9.66 -9.42
N ILE C 156 -34.05 9.74 -8.09
CA ILE C 156 -33.08 10.69 -7.58
C ILE C 156 -31.64 10.25 -7.95
N THR C 157 -31.40 8.92 -7.99
CA THR C 157 -30.07 8.45 -8.37
C THR C 157 -29.73 8.90 -9.81
N ARG C 158 -30.71 8.73 -10.71
CA ARG C 158 -30.54 9.19 -12.11
C ARG C 158 -30.18 10.69 -12.14
N ARG C 159 -30.92 11.52 -11.43
CA ARG C 159 -30.69 12.99 -11.51
C ARG C 159 -29.36 13.42 -10.87
N ILE C 160 -28.90 12.63 -9.87
CA ILE C 160 -27.59 12.88 -9.26
C ILE C 160 -26.47 12.44 -10.22
N ASN C 161 -26.63 11.28 -10.90
CA ASN C 161 -25.65 10.85 -11.90
C ASN C 161 -25.51 11.86 -13.02
N LEU C 162 -26.59 12.64 -13.29
CA LEU C 162 -26.48 13.64 -14.35
C LEU C 162 -25.56 14.80 -13.96
N GLU C 163 -25.27 14.95 -12.65
CA GLU C 163 -24.28 15.82 -12.15
C GLU C 163 -22.86 15.18 -12.04
N ASN C 164 -22.67 14.00 -12.67
CA ASN C 164 -21.38 13.25 -12.62
C ASN C 164 -20.99 12.95 -11.14
N ILE C 165 -21.99 12.63 -10.33
CA ILE C 165 -21.84 12.26 -8.92
C ILE C 165 -22.39 10.84 -8.76
N TRP C 166 -21.63 9.95 -8.12
CA TRP C 166 -21.88 8.51 -8.24
C TRP C 166 -21.91 7.89 -6.84
N GLN C 167 -21.74 8.71 -5.81
CA GLN C 167 -21.79 8.21 -4.42
C GLN C 167 -22.85 8.99 -3.65
N ALA C 168 -23.50 8.40 -2.63
CA ALA C 168 -24.34 9.19 -1.69
C ALA C 168 -24.19 8.82 -0.22
N ILE C 169 -24.59 9.71 0.70
CA ILE C 169 -24.58 9.32 2.07
C ILE C 169 -26.00 9.48 2.56
N TYR C 170 -26.44 8.60 3.44
CA TYR C 170 -27.82 8.66 3.98
C TYR C 170 -27.88 7.92 5.34
N THR C 171 -28.90 8.24 6.15
CA THR C 171 -29.07 7.60 7.46
C THR C 171 -30.52 7.04 7.53
N ALA C 172 -30.74 6.00 8.31
CA ALA C 172 -32.09 5.54 8.57
C ALA C 172 -32.11 4.76 9.87
N GLY C 173 -33.31 4.66 10.45
CA GLY C 173 -33.59 3.86 11.68
C GLY C 173 -33.70 2.40 11.30
N VAL C 174 -34.11 2.12 10.05
CA VAL C 174 -34.27 0.72 9.56
C VAL C 174 -32.90 0.14 9.22
N TYR C 175 -32.74 -1.15 9.52
CA TYR C 175 -31.60 -1.98 9.10
C TYR C 175 -31.63 -2.42 7.62
N LEU C 176 -30.75 -1.84 6.81
CA LEU C 176 -30.66 -2.13 5.40
C LEU C 176 -29.28 -2.59 5.05
N PRO C 177 -29.03 -3.07 3.80
CA PRO C 177 -27.64 -3.36 3.43
C PRO C 177 -26.83 -2.17 3.00
N LYS C 178 -25.68 -1.90 3.65
CA LYS C 178 -25.34 -2.44 5.01
C LYS C 178 -24.71 -1.24 5.74
N PRO C 179 -25.00 -1.04 7.05
CA PRO C 179 -24.37 0.18 7.68
C PRO C 179 -22.87 0.27 7.58
N VAL C 180 -22.34 1.47 7.36
CA VAL C 180 -20.93 1.72 7.67
C VAL C 180 -20.76 2.02 9.17
N SER C 181 -21.78 2.48 9.85
CA SER C 181 -21.72 2.69 11.32
C SER C 181 -23.12 2.75 11.85
N ASP C 182 -23.27 2.44 13.15
CA ASP C 182 -24.53 2.43 13.86
C ASP C 182 -24.39 3.33 15.12
N ALA C 183 -25.27 4.31 15.26
CA ALA C 183 -25.15 5.28 16.37
C ALA C 183 -26.42 5.27 17.18
N ARG C 184 -26.33 4.74 18.43
CA ARG C 184 -27.52 4.82 19.29
C ARG C 184 -27.84 6.29 19.67
N TYR C 185 -29.12 6.64 19.82
CA TYR C 185 -29.44 7.99 20.41
C TYR C 185 -29.73 7.97 21.95
N TYR C 186 -29.44 9.11 22.59
CA TYR C 186 -29.58 9.29 24.02
C TYR C 186 -30.35 10.59 24.23
N HIS C 187 -31.03 10.74 25.38
CA HIS C 187 -31.90 11.87 25.64
C HIS C 187 -31.64 12.46 27.01
N ARG C 188 -31.43 13.78 27.06
CA ARG C 188 -31.34 14.45 28.34
C ARG C 188 -32.60 15.22 28.62
N SER C 189 -33.31 14.86 29.72
CA SER C 189 -34.61 15.52 29.99
C SER C 189 -34.44 16.87 30.48
N ILE C 190 -35.19 17.85 29.95
CA ILE C 190 -35.18 19.21 30.47
C ILE C 190 -36.51 19.53 31.16
N ASN C 191 -37.61 19.37 30.48
CA ASN C 191 -38.94 19.58 31.06
CA ASN C 191 -38.89 19.61 31.08
C ASN C 191 -39.44 18.24 31.52
N VAL C 192 -38.96 17.82 32.70
CA VAL C 192 -39.23 16.52 33.23
C VAL C 192 -40.74 16.22 33.39
N LYS C 193 -41.52 17.19 33.86
CA LYS C 193 -42.94 16.98 34.14
C LYS C 193 -43.60 16.53 32.82
N LYS C 194 -43.35 17.31 31.76
CA LYS C 194 -44.01 17.05 30.45
C LYS C 194 -43.59 15.73 29.89
N LEU C 195 -42.30 15.40 29.94
CA LEU C 195 -41.79 14.20 29.35
C LEU C 195 -42.38 12.98 30.07
N ILE C 196 -42.49 13.06 31.40
CA ILE C 196 -43.28 12.02 32.13
C ILE C 196 -44.71 11.87 31.65
N GLU C 197 -45.45 12.99 31.63
CA GLU C 197 -46.84 12.96 31.20
C GLU C 197 -47.01 12.34 29.81
N ILE C 198 -46.17 12.70 28.83
CA ILE C 198 -46.40 12.17 27.47
C ILE C 198 -45.81 10.77 27.22
N GLY C 199 -45.13 10.18 28.21
CA GLY C 199 -44.55 8.82 28.05
C GLY C 199 -43.29 8.70 27.18
N PHE C 200 -42.53 9.78 27.05
CA PHE C 200 -41.29 9.74 26.26
C PHE C 200 -40.46 8.46 26.45
N VAL C 218 -31.13 22.30 37.31
CA VAL C 218 -29.96 22.75 36.54
C VAL C 218 -29.58 24.18 36.88
N GLU C 219 -28.31 24.39 37.04
CA GLU C 219 -27.82 25.71 37.47
C GLU C 219 -27.78 26.62 36.21
N ASP C 220 -28.45 27.78 36.29
CA ASP C 220 -28.54 28.70 35.17
C ASP C 220 -27.25 29.51 34.98
N THR C 221 -26.11 28.90 35.06
CA THR C 221 -24.84 29.62 34.83
C THR C 221 -23.93 28.81 33.92
N LEU C 222 -23.38 29.50 32.91
CA LEU C 222 -22.50 28.81 31.92
C LEU C 222 -21.11 28.49 32.50
N ASN C 223 -20.60 27.28 32.21
CA ASN C 223 -19.12 27.01 32.46
C ASN C 223 -18.19 27.91 31.64
N ILE C 224 -18.58 28.22 30.38
CA ILE C 224 -17.77 29.07 29.51
C ILE C 224 -18.58 30.38 29.43
N LYS C 225 -18.21 31.32 30.30
CA LYS C 225 -19.05 32.49 30.54
C LYS C 225 -19.41 33.29 29.29
N ASN C 226 -18.48 33.37 28.32
CA ASN C 226 -18.67 34.25 27.15
C ASN C 226 -19.30 33.60 25.94
N MET C 227 -19.77 32.35 26.10
CA MET C 227 -20.41 31.62 25.02
C MET C 227 -21.60 32.44 24.55
N ARG C 228 -21.64 32.77 23.26
CA ARG C 228 -22.63 33.73 22.76
C ARG C 228 -23.12 33.29 21.33
N LEU C 229 -24.30 33.76 20.91
CA LEU C 229 -24.73 33.44 19.52
C LEU C 229 -23.69 33.83 18.48
N MET C 230 -23.51 32.92 17.51
CA MET C 230 -22.63 33.15 16.40
C MET C 230 -23.09 34.31 15.51
N LYS C 231 -22.11 35.07 15.05
N LYS C 231 -22.10 35.08 15.08
CA LYS C 231 -22.43 36.21 14.20
CA LYS C 231 -22.34 36.28 14.26
C LYS C 231 -21.66 36.09 12.92
C LYS C 231 -21.64 36.11 12.94
N LYS C 232 -21.97 36.93 11.96
CA LYS C 232 -21.29 36.83 10.66
C LYS C 232 -19.77 36.96 10.74
N LYS C 233 -19.23 37.88 11.57
CA LYS C 233 -17.76 38.00 11.70
C LYS C 233 -17.04 36.73 12.20
N ASP C 234 -17.81 35.77 12.76
CA ASP C 234 -17.24 34.52 13.33
C ASP C 234 -17.07 33.37 12.37
N VAL C 235 -17.57 33.49 11.11
CA VAL C 235 -17.54 32.40 10.09
C VAL C 235 -16.10 31.87 9.90
N GLU C 236 -15.14 32.76 9.66
CA GLU C 236 -13.76 32.32 9.47
CA GLU C 236 -13.77 32.36 9.46
C GLU C 236 -13.24 31.51 10.65
N GLY C 237 -13.48 31.97 11.88
CA GLY C 237 -13.01 31.27 13.04
C GLY C 237 -13.69 29.89 13.26
N VAL C 238 -15.01 29.84 13.10
CA VAL C 238 -15.70 28.56 13.12
C VAL C 238 -15.20 27.58 12.02
N HIS C 239 -14.95 28.10 10.82
CA HIS C 239 -14.47 27.30 9.72
C HIS C 239 -13.08 26.71 10.11
N LYS C 240 -12.25 27.53 10.80
CA LYS C 240 -10.95 27.07 11.24
C LYS C 240 -11.05 25.99 12.30
N LEU C 241 -11.83 26.28 13.34
CA LEU C 241 -11.96 25.38 14.50
C LEU C 241 -12.63 24.04 14.11
N LEU C 242 -13.77 24.10 13.44
CA LEU C 242 -14.48 22.85 13.11
C LEU C 242 -13.76 22.10 12.08
N GLY C 243 -13.18 22.80 11.12
CA GLY C 243 -12.57 22.05 10.03
C GLY C 243 -11.37 21.24 10.52
N SER C 244 -10.56 21.82 11.42
CA SER C 244 -9.46 21.11 12.01
CA SER C 244 -9.45 21.12 12.05
C SER C 244 -9.92 19.95 12.92
N TYR C 245 -10.94 20.20 13.70
CA TYR C 245 -11.49 19.19 14.59
C TYR C 245 -11.99 17.95 13.79
N LEU C 246 -12.69 18.16 12.68
CA LEU C 246 -13.30 17.00 11.97
C LEU C 246 -12.28 16.03 11.28
N GLU C 247 -11.08 16.54 10.98
CA GLU C 247 -10.09 15.72 10.29
C GLU C 247 -9.69 14.43 10.99
N GLN C 248 -9.95 14.34 12.28
CA GLN C 248 -9.64 13.13 13.07
C GLN C 248 -10.62 11.94 12.75
N PHE C 249 -11.82 12.20 12.23
CA PHE C 249 -12.83 11.20 12.13
C PHE C 249 -12.74 10.40 10.84
N ASN C 250 -13.40 9.24 10.79
CA ASN C 250 -13.37 8.39 9.61
CA ASN C 250 -13.42 8.33 9.65
C ASN C 250 -14.43 8.75 8.58
N LEU C 251 -15.33 9.66 8.97
CA LEU C 251 -16.45 10.04 8.04
C LEU C 251 -16.91 11.44 8.41
N TYR C 252 -16.70 12.42 7.55
CA TYR C 252 -17.11 13.77 7.88
C TYR C 252 -17.26 14.54 6.61
N ALA C 253 -18.11 15.57 6.71
CA ALA C 253 -18.18 16.49 5.61
C ALA C 253 -17.06 17.56 5.63
N VAL C 254 -16.57 17.88 4.42
CA VAL C 254 -15.47 18.85 4.20
C VAL C 254 -16.14 20.22 3.93
N PHE C 255 -16.32 21.03 4.98
CA PHE C 255 -17.02 22.33 4.86
C PHE C 255 -16.17 23.40 4.22
N THR C 256 -16.71 24.10 3.22
CA THR C 256 -16.12 25.33 2.74
C THR C 256 -16.61 26.48 3.61
N LYS C 257 -15.99 27.63 3.49
CA LYS C 257 -16.46 28.81 4.21
C LYS C 257 -17.95 29.13 4.00
N GLU C 258 -18.43 29.10 2.73
CA GLU C 258 -19.85 29.42 2.42
CA GLU C 258 -19.82 29.42 2.42
C GLU C 258 -20.75 28.40 3.12
N GLU C 259 -20.25 27.18 3.25
CA GLU C 259 -21.02 26.11 3.87
C GLU C 259 -21.07 26.31 5.38
N ILE C 260 -19.96 26.73 5.96
CA ILE C 260 -20.02 27.11 7.38
C ILE C 260 -21.06 28.22 7.62
N ALA C 261 -21.03 29.28 6.82
CA ALA C 261 -22.00 30.34 7.02
C ALA C 261 -23.47 29.80 6.95
N HIS C 262 -23.70 28.94 5.92
CA HIS C 262 -25.05 28.38 5.78
C HIS C 262 -25.48 27.48 6.97
N TRP C 263 -24.62 26.56 7.33
CA TRP C 263 -25.03 25.47 8.20
C TRP C 263 -25.02 25.88 9.70
N PHE C 264 -24.38 27.03 10.01
CA PHE C 264 -24.21 27.43 11.39
C PHE C 264 -24.73 28.79 11.70
N LEU C 265 -24.83 29.70 10.75
CA LEU C 265 -25.31 31.02 11.26
C LEU C 265 -26.77 30.90 11.80
N PRO C 266 -27.02 31.47 13.00
CA PRO C 266 -28.27 31.10 13.62
C PRO C 266 -29.51 31.60 12.94
N ILE C 267 -30.55 30.77 13.02
CA ILE C 267 -31.87 31.05 12.46
C ILE C 267 -32.82 30.52 13.51
N GLU C 268 -33.55 31.44 14.15
N GLU C 268 -33.57 31.46 14.12
CA GLU C 268 -34.36 31.03 15.32
CA GLU C 268 -34.52 31.12 15.19
C GLU C 268 -35.35 29.90 14.98
C GLU C 268 -35.39 29.88 14.93
N ASN C 269 -35.49 28.96 15.91
CA ASN C 269 -36.31 27.75 15.73
C ASN C 269 -35.89 26.78 14.64
N VAL C 270 -34.64 26.94 14.22
CA VAL C 270 -34.04 26.13 13.13
C VAL C 270 -32.61 25.71 13.58
N ILE C 271 -31.68 26.62 13.64
CA ILE C 271 -30.31 26.25 13.94
C ILE C 271 -29.76 27.30 15.00
N TYR C 272 -29.09 26.75 16.01
CA TYR C 272 -28.53 27.53 17.17
C TYR C 272 -27.06 27.21 17.20
N THR C 273 -26.24 28.24 17.05
CA THR C 273 -24.79 28.08 17.22
C THR C 273 -24.23 29.14 18.08
N TYR C 274 -23.33 28.75 19.01
CA TYR C 274 -22.76 29.63 20.02
C TYR C 274 -21.27 29.45 19.90
N VAL C 275 -20.54 30.54 20.18
CA VAL C 275 -19.08 30.50 20.11
C VAL C 275 -18.51 31.21 21.35
N ASN C 276 -17.28 30.79 21.64
CA ASN C 276 -16.43 31.45 22.66
C ASN C 276 -15.25 32.10 21.95
N GLU C 277 -15.27 33.42 21.91
CA GLU C 277 -14.23 34.16 21.23
C GLU C 277 -13.26 34.68 22.31
N GLU C 278 -12.00 34.25 22.19
CA GLU C 278 -11.01 34.71 23.13
CA GLU C 278 -10.96 34.64 23.17
C GLU C 278 -9.81 35.27 22.40
N ASN C 279 -9.60 36.59 22.53
CA ASN C 279 -8.49 37.28 21.86
C ASN C 279 -8.52 37.21 20.32
N GLY C 280 -9.69 37.50 19.74
CA GLY C 280 -9.84 37.48 18.30
C GLY C 280 -10.06 36.10 17.72
N LYS C 281 -9.86 35.05 18.53
CA LYS C 281 -9.93 33.70 17.97
C LYS C 281 -11.17 32.96 18.49
N ILE C 282 -11.82 32.16 17.63
CA ILE C 282 -12.89 31.33 18.13
C ILE C 282 -12.28 30.03 18.68
N LYS C 283 -12.43 29.82 20.00
CA LYS C 283 -11.87 28.67 20.68
C LYS C 283 -12.83 27.54 21.07
N ASP C 284 -14.15 27.75 21.07
CA ASP C 284 -15.05 26.67 21.46
C ASP C 284 -16.33 26.98 20.67
N MET C 285 -17.14 25.98 20.48
CA MET C 285 -18.42 26.16 19.75
C MET C 285 -19.40 25.13 20.23
N ILE C 286 -20.69 25.48 20.27
CA ILE C 286 -21.80 24.56 20.54
C ILE C 286 -22.79 24.79 19.37
N SER C 287 -23.37 23.70 18.86
CA SER C 287 -24.55 23.87 17.94
C SER C 287 -25.56 22.79 18.16
N PHE C 288 -26.84 23.12 17.90
CA PHE C 288 -27.93 22.13 17.88
C PHE C 288 -29.03 22.70 16.99
N TYR C 289 -29.75 21.84 16.31
CA TYR C 289 -30.89 22.25 15.54
C TYR C 289 -32.20 21.88 16.21
N SER C 290 -33.30 22.46 15.70
CA SER C 290 -34.59 22.34 16.37
C SER C 290 -35.47 21.44 15.51
N LEU C 291 -35.96 20.34 16.05
CA LEU C 291 -36.75 19.38 15.31
C LEU C 291 -37.88 18.91 16.24
N PRO C 292 -39.06 19.63 16.17
CA PRO C 292 -40.15 19.18 17.05
C PRO C 292 -40.68 17.79 16.66
N SER C 293 -41.37 17.14 17.65
CA SER C 293 -42.10 15.97 17.35
C SER C 293 -43.58 16.33 17.67
N GLN C 294 -44.46 15.93 16.78
CA GLN C 294 -45.86 15.96 17.02
C GLN C 294 -46.16 14.80 17.99
N ILE C 295 -46.99 15.06 18.99
CA ILE C 295 -47.28 14.03 20.02
C ILE C 295 -48.62 13.41 19.62
N LEU C 296 -48.60 12.12 19.32
CA LEU C 296 -49.74 11.54 18.58
C LEU C 296 -50.77 11.00 19.60
N GLY C 297 -52.02 11.33 19.40
CA GLY C 297 -53.13 10.74 20.21
C GLY C 297 -53.13 11.24 21.66
N ASN C 298 -52.55 12.43 21.86
CA ASN C 298 -52.44 13.01 23.16
C ASN C 298 -53.17 14.30 23.15
N ASP C 299 -54.22 14.34 23.94
CA ASP C 299 -55.14 15.45 23.97
C ASP C 299 -54.74 16.62 24.93
N LYS C 300 -53.64 16.48 25.67
CA LYS C 300 -53.20 17.49 26.64
CA LYS C 300 -53.20 17.54 26.64
C LYS C 300 -52.02 18.29 26.04
N TYR C 301 -51.11 17.56 25.38
CA TYR C 301 -49.93 18.16 24.69
C TYR C 301 -49.92 17.78 23.21
N SER C 302 -49.49 18.68 22.34
CA SER C 302 -49.45 18.35 20.90
C SER C 302 -48.03 18.41 20.28
N THR C 303 -47.09 19.14 20.88
CA THR C 303 -45.73 19.27 20.27
C THR C 303 -44.68 19.07 21.38
N LEU C 304 -43.65 18.29 21.07
CA LEU C 304 -42.50 18.19 21.94
C LEU C 304 -41.40 19.04 21.32
N ASN C 305 -40.78 19.93 22.04
CA ASN C 305 -39.76 20.80 21.46
C ASN C 305 -38.42 20.23 21.77
N ALA C 306 -37.69 19.84 20.74
CA ALA C 306 -36.47 18.99 20.94
C ALA C 306 -35.26 19.62 20.23
N ALA C 307 -34.13 19.74 20.94
CA ALA C 307 -32.84 20.25 20.39
C ALA C 307 -31.96 19.04 20.11
N TYR C 308 -31.35 19.05 18.95
CA TYR C 308 -30.54 17.92 18.50
C TYR C 308 -29.15 18.36 18.43
N SER C 309 -28.30 17.67 19.19
CA SER C 309 -26.85 18.01 19.18
C SER C 309 -26.26 17.87 17.77
N PHE C 310 -25.52 18.91 17.33
CA PHE C 310 -25.04 19.00 15.90
C PHE C 310 -23.52 18.89 15.97
N TYR C 311 -22.79 19.99 16.04
CA TYR C 311 -21.32 20.01 16.18
C TYR C 311 -20.85 20.84 17.42
N ASN C 312 -20.03 20.21 18.25
CA ASN C 312 -19.55 20.81 19.52
C ASN C 312 -18.03 20.60 19.59
N VAL C 313 -17.28 21.69 19.78
CA VAL C 313 -15.82 21.56 19.87
C VAL C 313 -15.37 22.43 21.06
N THR C 314 -14.44 21.94 21.87
CA THR C 314 -13.88 22.77 22.94
C THR C 314 -12.35 22.62 22.92
N THR C 315 -11.70 23.77 22.97
CA THR C 315 -10.22 23.85 23.21
C THR C 315 -9.88 24.58 24.54
N THR C 316 -10.85 25.15 25.29
CA THR C 316 -10.61 25.82 26.59
C THR C 316 -11.28 25.14 27.81
N ALA C 317 -12.06 24.10 27.57
CA ALA C 317 -12.83 23.48 28.69
C ALA C 317 -12.85 21.95 28.48
N THR C 318 -13.47 21.23 29.39
CA THR C 318 -13.65 19.80 29.13
C THR C 318 -14.85 19.59 28.27
N PHE C 319 -14.88 18.44 27.63
CA PHE C 319 -16.02 18.18 26.75
C PHE C 319 -17.30 18.05 27.58
N LYS C 320 -17.19 17.49 28.78
CA LYS C 320 -18.31 17.45 29.69
C LYS C 320 -18.89 18.86 30.03
N GLN C 321 -17.97 19.79 30.32
CA GLN C 321 -18.36 21.20 30.67
C GLN C 321 -19.06 21.84 29.48
N LEU C 322 -18.57 21.53 28.27
CA LEU C 322 -19.04 22.16 26.99
C LEU C 322 -20.49 21.62 26.77
N MET C 323 -20.67 20.31 26.92
CA MET C 323 -22.03 19.78 26.61
C MET C 323 -22.98 20.13 27.76
N GLN C 324 -22.46 20.31 29.00
CA GLN C 324 -23.36 20.81 30.04
C GLN C 324 -23.88 22.21 29.66
N ASP C 325 -22.98 23.01 29.08
CA ASP C 325 -23.41 24.35 28.58
C ASP C 325 -24.38 24.23 27.38
N ALA C 326 -24.16 23.23 26.50
CA ALA C 326 -25.13 23.05 25.39
C ALA C 326 -26.55 22.73 25.92
N ILE C 327 -26.66 21.87 26.96
CA ILE C 327 -27.98 21.60 27.66
C ILE C 327 -28.57 22.87 28.25
N LEU C 328 -27.77 23.67 28.97
CA LEU C 328 -28.29 24.94 29.60
C LEU C 328 -28.81 25.88 28.50
N LEU C 329 -28.00 26.04 27.45
CA LEU C 329 -28.46 26.87 26.29
C LEU C 329 -29.77 26.30 25.64
N ALA C 330 -29.92 24.98 25.56
CA ALA C 330 -31.19 24.45 25.04
C ALA C 330 -32.32 24.79 26.05
N LYS C 331 -32.03 24.62 27.34
CA LYS C 331 -33.03 24.98 28.37
C LYS C 331 -33.43 26.44 28.27
N ARG C 332 -32.46 27.33 28.08
CA ARG C 332 -32.77 28.77 28.05
C ARG C 332 -33.62 29.12 26.84
N ASN C 333 -33.50 28.30 25.80
CA ASN C 333 -34.28 28.48 24.57
C ASN C 333 -35.57 27.66 24.51
N ASN C 334 -36.04 27.19 25.67
CA ASN C 334 -37.43 26.69 25.73
CA ASN C 334 -37.35 26.59 25.90
C ASN C 334 -37.59 25.23 25.19
N PHE C 335 -36.48 24.48 25.09
CA PHE C 335 -36.58 23.10 24.61
C PHE C 335 -36.91 22.19 25.77
N ASP C 336 -37.68 21.12 25.49
CA ASP C 336 -38.12 20.17 26.49
C ASP C 336 -37.11 19.06 26.73
N VAL C 337 -36.23 18.80 25.73
CA VAL C 337 -35.33 17.60 25.74
C VAL C 337 -34.14 17.92 24.85
N PHE C 338 -33.01 17.26 25.10
CA PHE C 338 -31.80 17.49 24.34
C PHE C 338 -31.34 16.14 23.89
N ASN C 339 -31.27 15.90 22.56
CA ASN C 339 -31.00 14.62 22.02
C ASN C 339 -29.62 14.54 21.44
N ALA C 340 -28.92 13.44 21.65
CA ALA C 340 -27.62 13.35 21.07
C ALA C 340 -27.36 11.93 20.49
N LEU C 341 -26.58 11.81 19.44
CA LEU C 341 -26.09 10.48 18.98
C LEU C 341 -24.78 10.13 19.63
N GLU C 342 -24.43 8.84 19.78
CA GLU C 342 -23.06 8.42 20.26
C GLU C 342 -21.93 8.61 19.25
N VAL C 343 -21.88 9.74 18.57
CA VAL C 343 -20.83 10.03 17.59
C VAL C 343 -19.79 11.01 18.16
N MET C 344 -18.69 11.20 17.46
CA MET C 344 -17.60 12.11 17.92
C MET C 344 -17.33 11.87 19.45
N GLN C 345 -17.28 12.89 20.31
CA GLN C 345 -16.89 12.63 21.72
C GLN C 345 -18.08 12.40 22.63
N ASN C 346 -19.29 12.29 22.05
CA ASN C 346 -20.51 12.31 22.85
C ASN C 346 -20.65 11.25 23.88
N LYS C 347 -20.22 10.03 23.53
CA LYS C 347 -20.54 8.89 24.44
C LYS C 347 -19.95 9.15 25.88
N SER C 348 -18.76 9.74 25.86
CA SER C 348 -17.92 10.01 27.02
C SER C 348 -18.65 10.88 28.05
N VAL C 349 -19.72 11.62 27.69
CA VAL C 349 -20.36 12.56 28.62
C VAL C 349 -21.75 12.12 29.04
N PHE C 350 -22.24 10.96 28.50
CA PHE C 350 -23.66 10.69 28.70
C PHE C 350 -24.00 10.29 30.11
N GLU C 351 -23.12 9.49 30.73
CA GLU C 351 -23.33 9.05 32.09
CA GLU C 351 -23.36 9.04 32.09
C GLU C 351 -23.40 10.27 33.05
N ASP C 352 -22.35 11.08 33.10
CA ASP C 352 -22.26 12.25 34.03
C ASP C 352 -23.29 13.30 33.79
N LEU C 353 -23.76 13.45 32.53
CA LEU C 353 -24.75 14.46 32.25
C LEU C 353 -26.20 13.97 32.22
N LYS C 354 -26.44 12.79 32.80
CA LYS C 354 -27.77 12.25 33.01
C LYS C 354 -28.57 11.94 31.73
N PHE C 355 -27.91 11.68 30.61
CA PHE C 355 -28.61 11.23 29.39
C PHE C 355 -29.08 9.78 29.62
N GLY C 356 -30.29 9.47 29.20
CA GLY C 356 -30.81 8.09 29.22
C GLY C 356 -30.62 7.55 27.86
N GLU C 357 -30.14 6.31 27.74
CA GLU C 357 -30.19 5.53 26.43
C GLU C 357 -31.55 5.47 25.81
N GLY C 358 -31.68 5.76 24.48
CA GLY C 358 -32.98 5.60 23.81
C GLY C 358 -33.32 4.15 23.43
N ASP C 359 -34.31 3.95 22.57
CA ASP C 359 -34.71 2.53 22.31
C ASP C 359 -34.28 2.07 20.91
N GLY C 360 -33.38 2.80 20.27
CA GLY C 360 -32.88 2.30 19.04
C GLY C 360 -31.72 3.09 18.48
N SER C 361 -31.51 2.95 17.18
CA SER C 361 -30.33 3.57 16.57
C SER C 361 -30.53 4.15 15.19
N LEU C 362 -29.58 5.00 14.78
CA LEU C 362 -29.57 5.58 13.46
C LEU C 362 -28.40 4.92 12.74
N LYS C 363 -28.69 4.32 11.57
CA LYS C 363 -27.66 3.62 10.81
C LYS C 363 -27.16 4.62 9.78
N TYR C 364 -25.85 4.61 9.54
CA TYR C 364 -25.26 5.46 8.51
C TYR C 364 -24.91 4.54 7.32
N TYR C 365 -25.20 5.04 6.11
CA TYR C 365 -25.03 4.27 4.84
C TYR C 365 -24.32 5.07 3.80
N LEU C 366 -23.56 4.39 2.94
CA LEU C 366 -22.97 5.04 1.77
C LEU C 366 -23.54 4.23 0.61
N TYR C 367 -23.76 4.92 -0.52
CA TYR C 367 -24.18 4.31 -1.78
C TYR C 367 -23.01 4.27 -2.75
N ASN C 368 -22.77 3.08 -3.32
CA ASN C 368 -21.69 2.87 -4.25
C ASN C 368 -20.28 3.14 -3.65
N TRP C 369 -20.10 2.63 -2.43
CA TRP C 369 -18.81 2.75 -1.73
C TRP C 369 -18.64 1.57 -0.85
N LYS C 370 -17.44 0.99 -1.00
CA LYS C 370 -17.02 -0.18 -0.29
C LYS C 370 -15.88 0.21 0.69
N CYS C 371 -16.07 -0.11 1.95
CA CYS C 371 -15.06 0.20 3.00
C CYS C 371 -15.38 -0.56 4.29
N ALA C 372 -14.40 -0.66 5.22
CA ALA C 372 -14.66 -1.26 6.57
C ALA C 372 -15.63 -0.41 7.36
N SER C 373 -16.58 -1.11 7.98
CA SER C 373 -17.46 -0.48 8.96
C SER C 373 -16.61 -0.05 10.18
N PHE C 374 -17.18 0.82 10.98
CA PHE C 374 -16.50 1.40 12.16
C PHE C 374 -17.41 1.76 13.31
N ALA C 375 -16.80 1.86 14.48
CA ALA C 375 -17.56 2.28 15.65
C ALA C 375 -18.00 3.75 15.54
N PRO C 376 -19.12 4.14 16.19
CA PRO C 376 -19.68 5.53 15.93
C PRO C 376 -18.86 6.66 16.54
N ALA C 377 -17.92 6.36 17.46
CA ALA C 377 -17.07 7.42 18.01
C ALA C 377 -16.20 7.93 16.84
N HIS C 378 -16.11 7.17 15.74
CA HIS C 378 -15.33 7.58 14.53
C HIS C 378 -16.16 8.28 13.47
N VAL C 379 -17.47 8.35 13.68
CA VAL C 379 -18.37 9.16 12.81
C VAL C 379 -18.27 10.70 13.19
N GLY C 380 -18.11 11.58 12.19
CA GLY C 380 -17.88 13.01 12.44
C GLY C 380 -18.85 13.76 11.58
N ILE C 381 -20.00 13.17 11.34
CA ILE C 381 -21.08 13.88 10.57
C ILE C 381 -22.42 13.62 11.25
N VAL C 382 -23.26 14.68 11.37
CA VAL C 382 -24.65 14.49 11.86
C VAL C 382 -25.56 14.99 10.72
N LEU C 383 -26.49 14.16 10.25
CA LEU C 383 -27.42 14.64 9.23
C LEU C 383 -28.60 15.27 9.91
N LEU C 384 -29.47 15.83 9.06
CA LEU C 384 -30.68 16.46 9.61
C LEU C 384 -31.92 15.56 9.73
#